data_3KOD
#
_entry.id   3KOD
#
_cell.length_a   52.281
_cell.length_b   55.147
_cell.length_c   92.535
_cell.angle_alpha   106.860
_cell.angle_beta   101.860
_cell.angle_gamma   94.450
#
_symmetry.space_group_name_H-M   'P 1'
#
loop_
_entity.id
_entity.type
_entity.pdbx_description
1 polymer 'D-tyrosyl-tRNA(Tyr) deacylase'
2 non-polymer D-SERINE
#
_entity_poly.entity_id   1
_entity_poly.type   'polypeptide(L)'
_entity_poly.pdbx_seq_one_letter_code
;MRVVIQRVKGAILSVRKENIGENEKELEIISEIKNGLICFLGIHKNDTWEDALYIIRKCLNLRLWNNDNKTWDKNVKDLN
YELLIVSQFTLFGNTKKGNKPDFHLAKEPNEALIFYNKIIDEFKKQYNDDKIKIGKFGNYMNIDVTNDGPVTIYIDTHDI
NLNK
;
_entity_poly.pdbx_strand_id   A,B,C,D,E,F
#
# COMPACT_ATOMS: atom_id res chain seq x y z
N MET A 1 -10.51 -6.96 10.38
CA MET A 1 -10.51 -5.63 9.70
C MET A 1 -9.20 -5.32 8.98
N ARG A 2 -9.30 -5.04 7.69
CA ARG A 2 -8.12 -4.54 6.98
C ARG A 2 -8.26 -3.05 6.80
N VAL A 3 -7.14 -2.37 6.58
CA VAL A 3 -7.15 -0.95 6.22
C VAL A 3 -6.00 -0.56 5.31
N VAL A 4 -6.35 0.21 4.29
CA VAL A 4 -5.36 0.94 3.52
C VAL A 4 -5.36 2.38 3.96
N ILE A 5 -4.22 2.80 4.50
CA ILE A 5 -3.95 4.16 4.91
C ILE A 5 -3.04 4.82 3.88
N GLN A 6 -3.50 5.93 3.31
CA GLN A 6 -2.64 6.70 2.42
C GLN A 6 -2.53 8.09 2.92
N ARG A 7 -1.34 8.64 2.76
CA ARG A 7 -1.08 10.01 3.22
C ARG A 7 -1.58 10.97 2.15
N VAL A 8 -2.38 11.95 2.54
CA VAL A 8 -2.82 12.92 1.53
C VAL A 8 -2.36 14.34 1.78
N LYS A 9 -2.16 15.08 0.69
CA LYS A 9 -2.21 16.55 0.72
C LYS A 9 -3.64 16.98 0.96
N GLY A 10 -4.58 16.27 0.35
CA GLY A 10 -6.01 16.49 0.60
C GLY A 10 -6.80 15.46 -0.19
N ALA A 11 -8.12 15.48 -0.03
CA ALA A 11 -8.98 14.48 -0.66
C ALA A 11 -10.37 15.02 -0.88
N ILE A 12 -10.97 14.73 -2.04
CA ILE A 12 -12.37 15.14 -2.26
C ILE A 12 -13.32 13.99 -2.59
N LEU A 13 -14.34 13.85 -1.75
CA LEU A 13 -15.31 12.80 -1.93
C LEU A 13 -16.58 13.34 -2.51
N SER A 14 -17.07 12.68 -3.56
CA SER A 14 -18.26 13.12 -4.28
C SER A 14 -19.19 11.94 -4.56
N VAL A 15 -20.49 12.23 -4.68
CA VAL A 15 -21.48 11.20 -5.08
C VAL A 15 -22.27 11.50 -6.36
N ARG A 16 -22.80 10.43 -6.94
CA ARG A 16 -23.71 10.51 -8.09
C ARG A 16 -24.29 11.93 -8.35
N GLU A 26 -23.25 12.61 -13.43
CA GLU A 26 -22.87 13.91 -12.83
C GLU A 26 -22.88 13.87 -11.29
N LEU A 27 -21.79 14.35 -10.69
CA LEU A 27 -21.46 14.16 -9.27
C LEU A 27 -21.84 15.32 -8.37
N GLU A 28 -21.47 15.24 -7.09
CA GLU A 28 -21.66 16.36 -6.16
C GLU A 28 -20.90 16.13 -4.85
N ILE A 29 -19.92 17.00 -4.57
CA ILE A 29 -19.07 16.92 -3.37
C ILE A 29 -19.91 16.69 -2.15
N ILE A 30 -19.43 15.87 -1.22
CA ILE A 30 -20.12 15.74 0.05
C ILE A 30 -19.19 15.68 1.27
N SER A 31 -17.88 15.55 1.03
CA SER A 31 -16.86 15.71 2.10
C SER A 31 -15.58 16.12 1.43
N GLU A 32 -14.71 16.77 2.18
CA GLU A 32 -13.36 16.92 1.71
C GLU A 32 -12.41 17.17 2.87
N ILE A 33 -11.10 17.03 2.62
CA ILE A 33 -10.05 17.24 3.64
C ILE A 33 -8.75 17.72 3.01
N LYS A 34 -8.08 18.68 3.66
CA LYS A 34 -6.69 19.02 3.29
C LYS A 34 -5.78 17.88 3.81
N ASN A 35 -4.55 18.22 4.22
CA ASN A 35 -3.61 17.18 4.65
C ASN A 35 -4.19 16.25 5.68
N GLY A 36 -3.75 15.00 5.61
CA GLY A 36 -4.14 14.01 6.58
C GLY A 36 -4.11 12.67 5.93
N LEU A 37 -5.12 11.88 6.22
CA LEU A 37 -5.14 10.52 5.77
C LEU A 37 -6.50 10.13 5.28
N ILE A 38 -6.52 9.50 4.12
CA ILE A 38 -7.67 8.68 3.78
C ILE A 38 -7.39 7.24 4.20
N CYS A 39 -8.38 6.62 4.83
CA CYS A 39 -8.32 5.19 5.19
C CYS A 39 -9.48 4.39 4.64
N PHE A 40 -9.14 3.51 3.70
CA PHE A 40 -10.07 2.53 3.18
C PHE A 40 -10.09 1.42 4.22
N LEU A 41 -11.25 1.23 4.84
CA LEU A 41 -11.34 0.38 6.01
C LEU A 41 -12.28 -0.76 5.73
N GLY A 42 -11.74 -1.96 5.60
CA GLY A 42 -12.60 -3.14 5.41
C GLY A 42 -13.00 -3.87 6.67
N ILE A 43 -14.27 -4.28 6.75
CA ILE A 43 -14.79 -4.93 7.96
C ILE A 43 -15.06 -6.42 7.74
N HIS A 44 -14.32 -7.26 8.46
CA HIS A 44 -14.48 -8.72 8.43
C HIS A 44 -15.74 -9.16 9.20
N LYS A 45 -16.40 -10.21 8.69
CA LYS A 45 -17.68 -10.70 9.26
C LYS A 45 -17.54 -11.11 10.74
N ASN A 46 -16.39 -11.66 11.10
CA ASN A 46 -16.13 -12.04 12.49
C ASN A 46 -15.31 -11.03 13.31
N ASP A 47 -15.36 -9.75 12.95
CA ASP A 47 -14.55 -8.75 13.64
C ASP A 47 -15.15 -8.41 14.98
N THR A 48 -14.31 -7.89 15.88
CA THR A 48 -14.70 -7.56 17.26
C THR A 48 -14.46 -6.09 17.51
N TRP A 49 -15.26 -5.50 18.40
CA TRP A 49 -14.88 -4.16 18.86
C TRP A 49 -13.37 -4.03 19.11
N GLU A 50 -12.74 -5.09 19.61
CA GLU A 50 -11.30 -5.08 19.76
C GLU A 50 -10.61 -4.84 18.44
N ASP A 51 -11.13 -5.49 17.41
CA ASP A 51 -10.63 -5.37 16.05
C ASP A 51 -10.68 -3.93 15.50
N ALA A 52 -11.70 -3.17 15.89
CA ALA A 52 -11.73 -1.71 15.61
C ALA A 52 -10.60 -0.97 16.30
N LEU A 53 -10.58 -1.03 17.64
CA LEU A 53 -9.59 -0.28 18.41
C LEU A 53 -8.23 -0.27 17.77
N TYR A 54 -7.81 -1.42 17.25
CA TYR A 54 -6.45 -1.54 16.74
C TYR A 54 -6.28 -0.64 15.53
N ILE A 55 -7.37 -0.54 14.76
CA ILE A 55 -7.36 0.22 13.50
C ILE A 55 -7.30 1.71 13.80
N ILE A 56 -8.28 2.15 14.58
CA ILE A 56 -8.41 3.51 15.02
C ILE A 56 -7.13 3.97 15.70
N ARG A 57 -6.62 3.19 16.65
CA ARG A 57 -5.40 3.60 17.33
C ARG A 57 -4.37 3.87 16.25
N LYS A 58 -4.03 2.81 15.50
CA LYS A 58 -2.95 2.84 14.56
C LYS A 58 -3.10 3.96 13.56
N CYS A 59 -4.33 4.21 13.11
CA CYS A 59 -4.60 5.32 12.22
C CYS A 59 -4.27 6.64 12.88
N LEU A 60 -4.73 6.84 14.12
CA LEU A 60 -4.59 8.11 14.80
C LEU A 60 -3.19 8.37 15.26
N ASN A 61 -2.41 7.32 15.49
CA ASN A 61 -1.10 7.49 16.11
C ASN A 61 0.09 7.27 15.21
N LEU A 62 -0.07 6.47 14.17
CA LEU A 62 1.03 6.16 13.25
C LEU A 62 1.85 7.39 12.77
N ARG A 63 3.16 7.30 12.93
CA ARG A 63 4.02 8.46 12.70
C ARG A 63 4.44 8.52 11.25
N LEU A 64 3.60 9.16 10.46
CA LEU A 64 3.82 9.14 9.02
C LEU A 64 4.33 10.43 8.41
N TRP A 65 4.64 11.42 9.23
CA TRP A 65 5.12 12.70 8.71
C TRP A 65 6.48 13.12 9.26
N ASN A 66 7.36 13.56 8.35
CA ASN A 66 8.67 14.14 8.69
C ASN A 66 8.55 15.39 9.53
N ASN A 67 9.51 15.59 10.43
CA ASN A 67 9.53 16.77 11.31
C ASN A 67 10.78 17.60 11.05
N ASP A 68 10.73 18.36 9.94
CA ASP A 68 11.89 19.07 9.38
C ASP A 68 13.26 18.59 9.92
N ASN A 69 13.79 17.55 9.30
CA ASN A 69 15.03 16.88 9.75
C ASN A 69 14.82 15.50 10.35
N LYS A 70 13.75 15.31 11.12
CA LYS A 70 13.38 13.96 11.56
C LYS A 70 12.50 13.23 10.53
N THR A 71 12.42 11.90 10.62
CA THR A 71 11.61 11.11 9.69
C THR A 71 10.71 10.14 10.44
N TRP A 72 9.47 9.99 9.96
CA TRP A 72 8.52 9.08 10.61
C TRP A 72 8.36 9.45 12.11
N ASP A 73 7.77 10.62 12.36
CA ASP A 73 7.86 11.25 13.66
C ASP A 73 6.53 11.81 14.19
N LYS A 74 5.64 12.26 13.30
CA LYS A 74 4.36 12.87 13.73
C LYS A 74 3.12 12.14 13.21
N ASN A 75 2.05 12.16 14.01
CA ASN A 75 0.74 11.72 13.52
C ASN A 75 -0.28 12.83 13.23
N VAL A 76 -1.33 12.46 12.50
CA VAL A 76 -2.53 13.28 12.26
C VAL A 76 -3.09 14.05 13.47
N LYS A 77 -2.95 13.48 14.66
CA LYS A 77 -3.28 14.20 15.87
C LYS A 77 -2.24 15.32 16.07
N ASP A 78 -0.99 14.91 16.27
CA ASP A 78 0.13 15.85 16.43
C ASP A 78 0.04 17.10 15.57
N LEU A 79 -0.45 16.97 14.35
CA LEU A 79 -0.44 18.08 13.39
C LEU A 79 -1.82 18.64 13.12
N ASN A 80 -2.71 18.54 14.10
CA ASN A 80 -4.14 18.80 13.90
C ASN A 80 -4.63 18.60 12.46
N TYR A 81 -4.37 17.40 11.93
CA TYR A 81 -4.76 17.00 10.58
C TYR A 81 -6.08 16.26 10.55
N GLU A 82 -6.46 15.84 9.34
CA GLU A 82 -7.76 15.20 9.13
C GLU A 82 -7.68 13.76 8.69
N LEU A 83 -8.75 13.02 9.00
CA LEU A 83 -8.92 11.65 8.56
C LEU A 83 -10.20 11.59 7.76
N LEU A 84 -10.23 10.85 6.66
CA LEU A 84 -11.49 10.62 5.96
C LEU A 84 -11.68 9.13 5.79
N ILE A 85 -12.67 8.62 6.51
CA ILE A 85 -12.83 7.19 6.61
C ILE A 85 -13.84 6.71 5.60
N VAL A 86 -13.48 5.62 4.92
CA VAL A 86 -14.25 5.13 3.80
C VAL A 86 -14.27 3.62 3.93
N SER A 87 -15.41 3.02 3.60
CA SER A 87 -15.64 1.60 3.85
C SER A 87 -15.45 0.67 2.64
N GLN A 88 -14.22 0.27 2.34
CA GLN A 88 -13.95 -0.73 1.25
C GLN A 88 -14.21 -2.20 1.64
N PHE A 89 -15.31 -2.78 1.19
CA PHE A 89 -15.54 -4.19 1.43
C PHE A 89 -14.69 -5.02 0.46
N THR A 90 -14.27 -4.40 -0.63
CA THR A 90 -13.59 -5.07 -1.71
C THR A 90 -12.20 -5.47 -1.23
N LEU A 91 -11.83 -4.96 -0.07
CA LEU A 91 -10.55 -5.30 0.54
C LEU A 91 -10.50 -6.77 0.99
N PHE A 92 -11.68 -7.37 1.12
CA PHE A 92 -11.83 -8.77 1.46
C PHE A 92 -12.20 -9.62 0.23
N GLY A 93 -12.12 -9.01 -0.94
CA GLY A 93 -12.23 -9.74 -2.17
C GLY A 93 -11.08 -10.71 -2.24
N ASN A 94 -11.39 -11.96 -1.91
CA ASN A 94 -10.50 -13.10 -2.11
C ASN A 94 -10.41 -13.29 -3.62
N THR A 95 -9.19 -13.47 -4.13
CA THR A 95 -8.95 -13.54 -5.57
C THR A 95 -8.00 -14.64 -6.00
N LYS A 96 -7.73 -15.60 -5.12
CA LYS A 96 -6.87 -16.76 -5.46
C LYS A 96 -7.63 -17.75 -6.34
N LYS A 97 -8.91 -17.99 -5.99
CA LYS A 97 -9.86 -18.75 -6.78
C LYS A 97 -9.75 -18.40 -8.26
N GLY A 98 -10.47 -17.39 -8.74
CA GLY A 98 -10.39 -17.01 -10.16
C GLY A 98 -9.94 -15.56 -10.35
N ASN A 99 -10.40 -14.94 -11.43
CA ASN A 99 -10.23 -13.49 -11.66
C ASN A 99 -11.46 -12.66 -11.26
N LYS A 100 -12.30 -13.26 -10.44
CA LYS A 100 -13.57 -12.67 -10.07
C LYS A 100 -13.68 -12.65 -8.54
N PRO A 101 -13.46 -11.48 -7.93
CA PRO A 101 -13.25 -11.46 -6.47
C PRO A 101 -14.44 -12.06 -5.74
N ASP A 102 -14.23 -12.74 -4.61
CA ASP A 102 -15.37 -13.08 -3.77
C ASP A 102 -15.26 -12.61 -2.34
N PHE A 103 -16.36 -12.02 -1.91
CA PHE A 103 -16.40 -11.26 -0.70
C PHE A 103 -17.16 -12.08 0.33
N HIS A 104 -17.01 -13.40 0.27
CA HIS A 104 -17.67 -14.26 1.26
C HIS A 104 -17.07 -14.06 2.63
N LEU A 105 -15.86 -13.51 2.64
CA LEU A 105 -15.22 -13.08 3.88
C LEU A 105 -15.64 -11.68 4.44
N ALA A 106 -16.43 -10.89 3.70
CA ALA A 106 -16.72 -9.50 4.09
C ALA A 106 -18.06 -9.29 4.79
N LYS A 107 -18.08 -8.51 5.87
CA LYS A 107 -19.28 -8.34 6.67
C LYS A 107 -20.45 -7.82 5.88
N GLU A 108 -21.60 -8.39 6.22
CA GLU A 108 -22.91 -8.07 5.68
C GLU A 108 -23.19 -6.57 5.87
N PRO A 109 -23.65 -5.87 4.80
CA PRO A 109 -23.86 -4.40 4.75
C PRO A 109 -24.66 -3.77 5.89
N ASN A 110 -25.62 -4.49 6.44
CA ASN A 110 -26.39 -3.97 7.57
C ASN A 110 -25.60 -3.94 8.87
N GLU A 111 -25.08 -5.08 9.31
CA GLU A 111 -24.20 -5.06 10.48
C GLU A 111 -22.93 -4.23 10.18
N ALA A 112 -22.43 -4.30 8.95
CA ALA A 112 -21.29 -3.48 8.56
C ALA A 112 -21.54 -2.01 8.90
N LEU A 113 -22.58 -1.43 8.30
CA LEU A 113 -22.90 -0.01 8.47
C LEU A 113 -22.95 0.39 9.94
N ILE A 114 -23.47 -0.49 10.78
CA ILE A 114 -23.46 -0.24 12.22
C ILE A 114 -22.02 -0.20 12.80
N PHE A 115 -21.21 -1.18 12.45
CA PHE A 115 -19.85 -1.25 12.92
C PHE A 115 -19.05 -0.05 12.42
N TYR A 116 -19.25 0.29 11.15
CA TYR A 116 -18.70 1.50 10.61
C TYR A 116 -19.17 2.65 11.51
N ASN A 117 -20.47 2.88 11.57
CA ASN A 117 -20.98 3.92 12.45
C ASN A 117 -20.21 3.93 13.77
N LYS A 118 -20.35 2.91 14.59
CA LYS A 118 -19.66 2.89 15.88
C LYS A 118 -18.21 3.30 15.81
N ILE A 119 -17.50 2.87 14.77
CA ILE A 119 -16.06 3.19 14.60
C ILE A 119 -15.79 4.68 14.43
N ILE A 120 -16.62 5.31 13.61
CA ILE A 120 -16.61 6.76 13.46
C ILE A 120 -16.76 7.49 14.80
N ASP A 121 -17.69 7.05 15.65
CA ASP A 121 -17.96 7.67 16.94
C ASP A 121 -16.67 7.66 17.73
N GLU A 122 -15.98 6.53 17.69
CA GLU A 122 -14.79 6.35 18.51
C GLU A 122 -13.58 7.07 17.90
N PHE A 123 -13.58 7.14 16.58
CA PHE A 123 -12.67 8.04 15.86
C PHE A 123 -12.83 9.51 16.28
N LYS A 124 -14.05 9.92 16.60
CA LYS A 124 -14.27 11.26 17.03
C LYS A 124 -13.92 11.43 18.51
N LYS A 125 -14.60 10.65 19.35
CA LYS A 125 -14.25 10.39 20.75
C LYS A 125 -12.74 10.36 21.01
N GLN A 126 -11.95 9.80 20.10
CA GLN A 126 -10.51 9.81 20.35
C GLN A 126 -9.75 10.98 19.79
N TYR A 127 -10.06 11.43 18.59
CA TYR A 127 -9.26 12.51 18.04
C TYR A 127 -9.94 13.83 18.28
N ASN A 128 -10.82 14.16 17.35
CA ASN A 128 -11.65 15.35 17.41
C ASN A 128 -12.76 15.17 16.40
N ASP A 129 -13.97 15.57 16.76
CA ASP A 129 -15.04 15.29 15.87
C ASP A 129 -15.12 16.24 14.65
N ASP A 130 -14.36 17.33 14.65
CA ASP A 130 -14.31 18.14 13.45
C ASP A 130 -13.31 17.55 12.48
N LYS A 131 -12.49 16.62 12.98
CA LYS A 131 -11.35 16.09 12.22
C LYS A 131 -11.64 14.82 11.44
N ILE A 132 -12.86 14.29 11.59
CA ILE A 132 -13.26 13.02 10.95
C ILE A 132 -14.35 13.23 9.89
N LYS A 133 -14.07 12.74 8.69
CA LYS A 133 -15.01 12.71 7.55
C LYS A 133 -15.39 11.28 7.07
N ILE A 134 -16.58 11.17 6.46
CA ILE A 134 -17.13 9.92 5.97
C ILE A 134 -17.68 9.98 4.54
N GLY A 135 -18.23 8.87 4.05
CA GLY A 135 -18.98 8.89 2.79
C GLY A 135 -20.42 8.42 2.97
N LYS A 136 -21.17 8.31 1.88
CA LYS A 136 -22.44 7.64 1.99
C LYS A 136 -22.12 6.17 1.82
N PHE A 137 -22.45 5.41 2.86
CA PHE A 137 -21.94 4.08 3.08
C PHE A 137 -22.11 3.09 1.91
N GLY A 138 -23.33 2.88 1.44
CA GLY A 138 -23.55 1.78 0.48
C GLY A 138 -23.40 2.14 -0.99
N ASN A 139 -23.04 3.39 -1.25
CA ASN A 139 -23.20 4.01 -2.56
C ASN A 139 -21.91 4.30 -3.28
N TYR A 140 -22.04 4.43 -4.59
CA TYR A 140 -20.95 4.81 -5.47
C TYR A 140 -20.27 6.11 -5.06
N MET A 141 -18.93 6.11 -5.08
CA MET A 141 -18.17 7.27 -4.64
C MET A 141 -17.06 7.61 -5.64
N ASN A 142 -16.89 8.91 -5.85
CA ASN A 142 -15.73 9.46 -6.53
C ASN A 142 -14.95 10.17 -5.48
N ILE A 143 -13.69 9.80 -5.34
CA ILE A 143 -12.83 10.46 -4.38
C ILE A 143 -11.59 10.81 -5.14
N ASP A 144 -11.41 12.11 -5.38
CA ASP A 144 -10.12 12.61 -5.83
C ASP A 144 -9.26 12.61 -4.60
N VAL A 145 -8.05 12.08 -4.77
CA VAL A 145 -7.16 11.88 -3.65
C VAL A 145 -5.81 12.36 -4.06
N THR A 146 -5.24 13.24 -3.25
CA THR A 146 -3.92 13.75 -3.55
C THR A 146 -2.92 12.98 -2.71
N ASN A 147 -2.32 11.99 -3.36
CA ASN A 147 -1.40 11.15 -2.69
C ASN A 147 -0.11 11.93 -2.45
N ASP A 148 0.14 12.23 -1.17
CA ASP A 148 1.37 12.84 -0.65
C ASP A 148 2.45 11.80 -0.35
N GLY A 149 3.54 11.83 -1.12
CA GLY A 149 4.66 10.90 -0.98
C GLY A 149 4.92 10.01 -2.20
N PRO A 150 4.09 8.94 -2.38
CA PRO A 150 2.87 8.60 -1.64
C PRO A 150 3.25 7.79 -0.43
N VAL A 151 2.36 7.62 0.52
CA VAL A 151 2.73 6.74 1.58
C VAL A 151 1.57 5.82 1.86
N THR A 152 1.78 4.57 1.52
CA THR A 152 0.72 3.59 1.59
C THR A 152 1.04 2.64 2.69
N ILE A 153 0.02 2.27 3.45
CA ILE A 153 0.20 1.47 4.64
C ILE A 153 -0.98 0.54 4.79
N TYR A 154 -0.66 -0.75 4.95
CA TYR A 154 -1.65 -1.79 5.04
C TYR A 154 -1.45 -2.46 6.36
N ILE A 155 -2.57 -2.78 6.99
CA ILE A 155 -2.64 -3.55 8.20
C ILE A 155 -3.84 -4.47 7.97
N ASP A 156 -3.69 -5.75 8.36
CA ASP A 156 -4.81 -6.70 8.56
C ASP A 156 -4.70 -7.07 10.02
N THR A 157 -5.70 -6.69 10.80
CA THR A 157 -5.68 -6.92 12.25
C THR A 157 -5.59 -8.36 12.65
N HIS A 158 -5.78 -9.31 11.74
CA HIS A 158 -5.71 -10.71 12.19
C HIS A 158 -4.26 -11.22 12.12
N ASP A 159 -3.37 -10.46 12.75
CA ASP A 159 -1.93 -10.74 12.83
C ASP A 159 -1.40 -10.28 14.20
N ILE A 160 -2.07 -9.28 14.77
CA ILE A 160 -1.69 -8.72 16.07
C ILE A 160 -2.15 -9.65 17.20
N MET B 1 5.67 -10.54 -2.41
CA MET B 1 5.30 -9.20 -2.97
C MET B 1 3.85 -8.77 -2.67
N ARG B 2 3.69 -7.46 -2.47
CA ARG B 2 2.42 -6.87 -2.07
C ARG B 2 1.96 -5.84 -3.10
N VAL B 3 0.64 -5.73 -3.26
CA VAL B 3 0.06 -4.73 -4.14
C VAL B 3 -1.25 -4.17 -3.65
N VAL B 4 -1.38 -2.86 -3.88
CA VAL B 4 -2.63 -2.16 -3.69
C VAL B 4 -3.12 -1.72 -5.02
N ILE B 5 -4.33 -2.18 -5.37
CA ILE B 5 -4.84 -1.97 -6.70
C ILE B 5 -6.04 -1.15 -6.50
N GLN B 6 -6.02 0.05 -7.04
CA GLN B 6 -7.16 0.96 -6.93
C GLN B 6 -7.71 1.32 -8.29
N ARG B 7 -9.02 1.20 -8.42
CA ARG B 7 -9.68 1.43 -9.70
C ARG B 7 -9.80 2.93 -9.91
N VAL B 8 -9.52 3.38 -11.12
CA VAL B 8 -9.42 4.83 -11.32
C VAL B 8 -9.98 5.41 -12.64
N LYS B 9 -10.54 6.62 -12.57
CA LYS B 9 -11.03 7.29 -13.77
C LYS B 9 -9.86 7.98 -14.48
N GLY B 10 -8.88 8.40 -13.69
CA GLY B 10 -7.62 8.90 -14.21
C GLY B 10 -6.64 9.00 -13.06
N ALA B 11 -5.44 9.50 -13.37
CA ALA B 11 -4.37 9.70 -12.39
C ALA B 11 -3.17 10.45 -13.00
N ILE B 12 -2.63 11.39 -12.23
CA ILE B 12 -1.60 12.28 -12.74
C ILE B 12 -0.47 12.22 -11.76
N LEU B 13 0.67 11.72 -12.22
CA LEU B 13 1.85 11.59 -11.40
C LEU B 13 2.82 12.72 -11.68
N SER B 14 3.22 13.39 -10.60
CA SER B 14 4.08 14.56 -10.68
C SER B 14 5.19 14.53 -9.62
N VAL B 15 6.41 14.91 -10.01
CA VAL B 15 7.58 14.91 -9.12
C VAL B 15 8.21 16.29 -8.90
N ARG B 16 9.28 16.34 -8.11
CA ARG B 16 9.97 17.61 -7.87
C ARG B 16 10.97 17.91 -8.98
N LYS B 17 11.14 19.20 -9.28
CA LYS B 17 11.84 19.63 -10.50
C LYS B 17 13.32 20.03 -10.29
N GLU B 18 14.12 19.84 -11.35
CA GLU B 18 15.56 20.16 -11.41
C GLU B 18 16.41 19.65 -10.22
N ASN B 23 15.91 26.93 -4.83
CA ASN B 23 14.45 26.76 -4.84
C ASN B 23 13.94 25.58 -5.72
N GLU B 24 12.96 24.86 -5.16
CA GLU B 24 12.22 23.80 -5.88
C GLU B 24 10.71 24.05 -5.81
N LYS B 25 10.05 23.54 -4.75
CA LYS B 25 8.56 23.49 -4.59
C LYS B 25 7.75 23.57 -5.92
N GLU B 26 8.14 22.74 -6.88
CA GLU B 26 7.59 22.82 -8.24
C GLU B 26 7.35 21.43 -8.81
N LEU B 27 6.10 20.97 -8.74
CA LEU B 27 5.77 19.63 -9.19
C LEU B 27 5.63 19.55 -10.69
N GLU B 28 6.16 18.47 -11.26
CA GLU B 28 6.18 18.30 -12.72
C GLU B 28 5.48 16.99 -13.07
N ILE B 29 4.47 17.09 -13.95
CA ILE B 29 3.67 15.95 -14.41
C ILE B 29 4.44 15.10 -15.40
N ILE B 30 4.72 13.87 -14.99
CA ILE B 30 5.42 12.93 -15.86
C ILE B 30 4.52 11.78 -16.37
N SER B 31 3.59 11.33 -15.54
CA SER B 31 2.72 10.22 -15.92
C SER B 31 1.25 10.60 -15.79
N GLU B 32 0.52 10.34 -16.85
CA GLU B 32 -0.91 10.50 -16.88
C GLU B 32 -1.47 9.15 -17.28
N ILE B 33 -2.53 8.69 -16.60
CA ILE B 33 -3.38 7.67 -17.17
C ILE B 33 -4.81 8.13 -17.04
N LYS B 34 -5.62 7.84 -18.03
CA LYS B 34 -7.04 8.09 -17.91
C LYS B 34 -7.74 6.91 -17.20
N ASN B 35 -8.86 6.45 -17.70
CA ASN B 35 -9.46 5.30 -17.11
C ASN B 35 -8.44 4.18 -16.99
N GLY B 36 -8.47 3.44 -15.87
CA GLY B 36 -7.68 2.21 -15.68
C GLY B 36 -7.43 1.83 -14.23
N LEU B 37 -6.24 1.26 -13.96
CA LEU B 37 -5.84 0.87 -12.60
C LEU B 37 -4.60 1.58 -12.14
N ILE B 38 -4.47 1.75 -10.83
CA ILE B 38 -3.21 2.14 -10.21
C ILE B 38 -2.72 1.08 -9.22
N CYS B 39 -1.41 0.86 -9.21
CA CYS B 39 -0.86 -0.26 -8.49
C CYS B 39 0.32 0.17 -7.63
N PHE B 40 0.10 0.18 -6.32
CA PHE B 40 1.18 0.45 -5.43
C PHE B 40 1.80 -0.90 -5.11
N LEU B 41 3.01 -1.11 -5.63
CA LEU B 41 3.67 -2.42 -5.60
C LEU B 41 4.88 -2.48 -4.72
N GLY B 42 4.82 -3.35 -3.72
CA GLY B 42 5.91 -3.50 -2.78
C GLY B 42 6.71 -4.75 -3.06
N ILE B 43 7.98 -4.58 -3.40
CA ILE B 43 8.93 -5.68 -3.59
C ILE B 43 9.58 -6.05 -2.26
N HIS B 44 9.52 -7.34 -1.93
CA HIS B 44 9.96 -7.87 -0.65
C HIS B 44 11.35 -8.50 -0.78
N LYS B 45 12.14 -8.38 0.28
CA LYS B 45 13.50 -8.96 0.42
C LYS B 45 13.78 -10.17 -0.51
N ASN B 46 13.07 -11.28 -0.25
CA ASN B 46 13.23 -12.57 -0.91
C ASN B 46 12.13 -12.85 -1.92
N ASP B 47 11.87 -11.90 -2.79
CA ASP B 47 10.85 -12.13 -3.78
C ASP B 47 11.55 -12.85 -4.92
N THR B 48 10.78 -13.65 -5.65
CA THR B 48 11.29 -14.48 -6.73
C THR B 48 10.48 -14.04 -7.94
N TRP B 49 10.95 -14.36 -9.14
CA TRP B 49 10.27 -13.92 -10.32
C TRP B 49 8.90 -14.53 -10.41
N GLU B 50 8.62 -15.55 -9.62
CA GLU B 50 7.27 -16.12 -9.58
C GLU B 50 6.22 -15.19 -8.96
N ASP B 51 6.54 -14.53 -7.85
CA ASP B 51 5.63 -13.52 -7.28
C ASP B 51 5.39 -12.39 -8.31
N ALA B 52 6.45 -11.95 -8.97
CA ALA B 52 6.29 -10.83 -9.90
C ALA B 52 5.21 -11.14 -10.93
N LEU B 53 5.26 -12.36 -11.47
CA LEU B 53 4.34 -12.77 -12.51
C LEU B 53 2.92 -12.78 -11.96
N TYR B 54 2.77 -13.34 -10.76
CA TYR B 54 1.48 -13.39 -10.12
C TYR B 54 0.90 -12.00 -9.96
N ILE B 55 1.72 -11.04 -9.51
CA ILE B 55 1.23 -9.64 -9.40
C ILE B 55 0.74 -9.14 -10.75
N ILE B 56 1.61 -9.21 -11.76
CA ILE B 56 1.23 -8.85 -13.12
C ILE B 56 -0.01 -9.61 -13.60
N ARG B 57 -0.17 -10.86 -13.18
CA ARG B 57 -1.32 -11.62 -13.63
C ARG B 57 -2.63 -11.06 -13.11
N LYS B 58 -2.64 -10.59 -11.87
CA LYS B 58 -3.89 -10.23 -11.25
C LYS B 58 -4.30 -8.82 -11.64
N CYS B 59 -3.35 -7.90 -11.56
CA CYS B 59 -3.47 -6.58 -12.20
C CYS B 59 -4.07 -6.67 -13.58
N LEU B 60 -3.39 -7.42 -14.44
CA LEU B 60 -3.77 -7.42 -15.84
C LEU B 60 -5.05 -8.18 -16.02
N ASN B 61 -5.42 -9.01 -15.03
CA ASN B 61 -6.47 -9.97 -15.28
C ASN B 61 -7.70 -9.95 -14.42
N LEU B 62 -7.66 -9.41 -13.20
CA LEU B 62 -8.85 -9.37 -12.32
C LEU B 62 -9.96 -8.53 -12.94
N ARG B 63 -11.19 -8.89 -12.62
CA ARG B 63 -12.30 -8.34 -13.34
C ARG B 63 -13.02 -7.22 -12.61
N LEU B 64 -12.38 -6.07 -12.50
CA LEU B 64 -12.90 -5.06 -11.59
C LEU B 64 -13.95 -4.08 -12.16
N TRP B 65 -14.44 -4.35 -13.37
CA TRP B 65 -15.39 -3.45 -14.04
C TRP B 65 -16.66 -4.20 -14.46
N ASN B 66 -17.74 -3.50 -14.81
CA ASN B 66 -19.02 -4.18 -15.15
C ASN B 66 -19.58 -4.01 -16.57
N ASN B 67 -20.55 -4.87 -16.92
CA ASN B 67 -21.27 -4.80 -18.21
C ASN B 67 -22.77 -5.11 -18.15
N ASP B 68 -23.57 -4.24 -18.79
CA ASP B 68 -25.05 -4.35 -18.79
C ASP B 68 -25.60 -4.93 -17.47
N ASN B 69 -26.17 -6.13 -17.58
CA ASN B 69 -26.48 -7.03 -16.44
C ASN B 69 -25.27 -7.29 -15.56
N LYS B 70 -24.25 -7.89 -16.19
CA LYS B 70 -23.12 -8.54 -15.53
C LYS B 70 -22.19 -7.58 -14.79
N THR B 71 -21.78 -7.99 -13.59
CA THR B 71 -20.90 -7.17 -12.76
C THR B 71 -19.55 -7.87 -12.62
N TRP B 72 -18.59 -7.19 -11.97
CA TRP B 72 -17.28 -7.80 -11.74
C TRP B 72 -16.87 -8.67 -12.93
N ASP B 73 -17.04 -8.12 -14.12
CA ASP B 73 -17.01 -8.89 -15.35
C ASP B 73 -15.78 -8.75 -16.21
N LYS B 74 -15.33 -7.52 -16.43
CA LYS B 74 -14.27 -7.22 -17.42
C LYS B 74 -12.96 -6.75 -16.77
N ASN B 75 -11.83 -7.08 -17.37
CA ASN B 75 -10.52 -6.77 -16.79
C ASN B 75 -9.87 -5.59 -17.51
N VAL B 76 -8.70 -5.15 -17.05
CA VAL B 76 -8.17 -3.84 -17.49
C VAL B 76 -7.95 -3.80 -18.98
N LYS B 77 -7.65 -4.95 -19.56
CA LYS B 77 -7.33 -5.04 -20.97
C LYS B 77 -8.55 -5.12 -21.89
N ASP B 78 -9.70 -5.51 -21.36
CA ASP B 78 -10.90 -5.64 -22.19
C ASP B 78 -11.40 -4.25 -22.60
N LEU B 79 -11.09 -3.26 -21.77
CA LEU B 79 -11.63 -1.95 -22.00
C LEU B 79 -10.57 -1.03 -22.55
N ASN B 80 -9.47 -1.62 -22.99
CA ASN B 80 -8.26 -0.91 -23.37
C ASN B 80 -7.95 0.19 -22.40
N TYR B 81 -7.85 -0.18 -21.13
CA TYR B 81 -7.64 0.74 -20.04
C TYR B 81 -6.19 0.69 -19.57
N GLU B 82 -5.70 1.79 -19.00
CA GLU B 82 -4.28 1.89 -18.69
C GLU B 82 -3.98 1.41 -17.30
N LEU B 83 -2.70 1.29 -16.98
CA LEU B 83 -2.26 1.10 -15.60
C LEU B 83 -1.09 2.02 -15.23
N LEU B 84 -1.16 2.57 -14.03
CA LEU B 84 -0.03 3.31 -13.46
C LEU B 84 0.59 2.54 -12.31
N ILE B 85 1.78 2.03 -12.54
CA ILE B 85 2.38 1.13 -11.61
C ILE B 85 3.39 1.92 -10.82
N VAL B 86 3.16 2.04 -9.51
CA VAL B 86 3.98 2.88 -8.63
C VAL B 86 4.57 2.05 -7.48
N SER B 87 5.89 2.13 -7.35
CA SER B 87 6.61 1.31 -6.40
C SER B 87 6.36 1.81 -5.00
N GLN B 88 6.03 0.92 -4.07
CA GLN B 88 5.68 1.37 -2.74
C GLN B 88 6.15 0.48 -1.59
N PHE B 89 7.40 0.67 -1.16
CA PHE B 89 8.05 -0.20 -0.18
C PHE B 89 7.44 -0.09 1.20
N THR B 90 6.90 1.10 1.45
CA THR B 90 6.21 1.41 2.68
C THR B 90 5.08 0.41 2.98
N LEU B 91 4.99 -0.65 2.20
CA LEU B 91 3.92 -1.63 2.33
C LEU B 91 4.35 -2.78 3.23
N PHE B 92 5.67 -2.88 3.39
CA PHE B 92 6.27 -3.77 4.35
C PHE B 92 6.63 -2.97 5.57
N GLY B 93 6.41 -1.66 5.48
CA GLY B 93 6.44 -0.84 6.66
C GLY B 93 5.73 -1.64 7.73
N ASN B 94 6.48 -2.04 8.76
CA ASN B 94 5.97 -2.81 9.87
C ASN B 94 5.30 -1.96 10.95
N THR B 95 4.03 -2.27 11.23
CA THR B 95 3.33 -1.58 12.30
C THR B 95 2.79 -2.55 13.38
N LYS B 96 3.43 -3.73 13.51
CA LYS B 96 3.12 -4.68 14.60
C LYS B 96 3.59 -4.08 15.93
N LYS B 97 4.81 -3.55 15.91
CA LYS B 97 5.52 -3.06 17.09
C LYS B 97 5.83 -1.57 16.90
N GLY B 98 5.34 -0.71 17.82
CA GLY B 98 5.62 0.75 17.76
C GLY B 98 4.86 1.60 16.77
N ASN B 99 4.54 2.84 17.15
CA ASN B 99 3.84 3.76 16.26
C ASN B 99 4.69 4.36 15.14
N LYS B 100 6.01 4.35 15.30
CA LYS B 100 6.87 4.59 14.15
C LYS B 100 7.00 3.26 13.42
N PRO B 101 6.81 3.26 12.08
CA PRO B 101 6.84 2.04 11.29
C PRO B 101 8.22 1.67 10.76
N ASP B 102 8.47 0.38 10.70
CA ASP B 102 9.78 -0.14 10.39
C ASP B 102 9.81 -0.93 9.08
N PHE B 103 10.71 -0.57 8.16
CA PHE B 103 10.69 -1.12 6.78
C PHE B 103 11.66 -2.29 6.54
N HIS B 104 12.24 -2.80 7.63
CA HIS B 104 13.27 -3.86 7.59
C HIS B 104 13.02 -5.00 6.57
N LEU B 105 11.76 -5.32 6.29
CA LEU B 105 11.47 -6.42 5.39
C LEU B 105 11.35 -6.04 3.91
N ALA B 106 11.53 -4.76 3.58
CA ALA B 106 11.52 -4.37 2.18
C ALA B 106 12.78 -4.90 1.54
N LYS B 107 12.92 -4.67 0.25
CA LYS B 107 14.14 -5.04 -0.44
C LYS B 107 15.07 -3.83 -0.38
N GLU B 108 16.36 -4.07 -0.55
CA GLU B 108 17.35 -2.98 -0.65
C GLU B 108 17.02 -2.20 -1.95
N PRO B 109 17.20 -0.86 -1.95
CA PRO B 109 16.69 -0.05 -3.07
C PRO B 109 17.40 -0.20 -4.42
N ASN B 110 18.66 -0.63 -4.44
CA ASN B 110 19.37 -0.88 -5.73
C ASN B 110 18.97 -2.21 -6.35
N GLU B 111 18.72 -3.19 -5.49
CA GLU B 111 18.20 -4.49 -5.88
C GLU B 111 16.73 -4.41 -6.30
N ALA B 112 15.96 -3.62 -5.56
CA ALA B 112 14.56 -3.37 -5.89
C ALA B 112 14.40 -2.72 -7.28
N LEU B 113 15.13 -1.64 -7.52
CA LEU B 113 14.96 -0.85 -8.72
C LEU B 113 15.09 -1.74 -9.92
N ILE B 114 16.12 -2.58 -9.92
CA ILE B 114 16.30 -3.48 -11.06
C ILE B 114 15.11 -4.47 -11.17
N PHE B 115 14.67 -5.02 -10.03
CA PHE B 115 13.52 -5.94 -10.03
C PHE B 115 12.23 -5.33 -10.58
N TYR B 116 11.96 -4.10 -10.16
CA TYR B 116 10.74 -3.39 -10.55
C TYR B 116 10.75 -3.08 -12.04
N ASN B 117 11.87 -2.57 -12.56
CA ASN B 117 12.01 -2.32 -14.01
C ASN B 117 11.71 -3.58 -14.83
N LYS B 118 12.35 -4.67 -14.41
CA LYS B 118 12.12 -5.97 -14.99
C LYS B 118 10.62 -6.26 -15.07
N ILE B 119 9.90 -5.95 -13.99
CA ILE B 119 8.44 -6.19 -13.83
C ILE B 119 7.65 -5.34 -14.81
N ILE B 120 7.91 -4.04 -14.74
CA ILE B 120 7.37 -3.05 -15.67
C ILE B 120 7.58 -3.54 -17.09
N ASP B 121 8.79 -4.00 -17.37
CA ASP B 121 9.10 -4.56 -18.69
C ASP B 121 8.21 -5.70 -19.10
N GLU B 122 8.08 -6.67 -18.19
CA GLU B 122 7.23 -7.81 -18.37
C GLU B 122 5.79 -7.35 -18.49
N PHE B 123 5.38 -6.41 -17.64
CA PHE B 123 4.04 -5.81 -17.75
C PHE B 123 3.70 -5.46 -19.19
N LYS B 124 4.70 -5.06 -19.96
CA LYS B 124 4.44 -4.55 -21.28
C LYS B 124 4.30 -5.70 -22.24
N LYS B 125 5.06 -6.76 -21.98
CA LYS B 125 5.01 -7.95 -22.81
C LYS B 125 3.70 -8.72 -22.60
N GLN B 126 3.00 -8.48 -21.51
CA GLN B 126 1.79 -9.26 -21.27
C GLN B 126 0.55 -8.46 -21.56
N TYR B 127 0.78 -7.20 -21.93
CA TYR B 127 -0.30 -6.35 -22.38
C TYR B 127 0.16 -5.64 -23.63
N ASN B 128 0.01 -4.32 -23.63
CA ASN B 128 0.34 -3.47 -24.72
C ASN B 128 1.36 -2.52 -24.13
N ASP B 129 2.41 -2.24 -24.89
CA ASP B 129 3.46 -1.36 -24.45
C ASP B 129 2.97 0.07 -24.04
N ASP B 130 1.98 0.61 -24.74
CA ASP B 130 1.59 1.99 -24.52
C ASP B 130 0.54 2.17 -23.45
N LYS B 131 0.20 1.10 -22.73
CA LYS B 131 -0.84 1.16 -21.70
C LYS B 131 -0.28 1.15 -20.28
N ILE B 132 1.03 0.98 -20.14
CA ILE B 132 1.63 0.82 -18.81
C ILE B 132 2.49 2.04 -18.47
N LYS B 133 2.00 2.85 -17.53
CA LYS B 133 2.74 4.06 -17.08
C LYS B 133 3.29 3.84 -15.69
N ILE B 134 4.30 4.63 -15.33
CA ILE B 134 5.10 4.41 -14.14
C ILE B 134 5.55 5.70 -13.43
N GLY B 135 5.88 5.59 -12.16
CA GLY B 135 6.50 6.68 -11.42
C GLY B 135 8.02 6.67 -11.52
N LYS B 136 8.66 7.49 -10.69
CA LYS B 136 10.10 7.62 -10.71
C LYS B 136 10.59 6.94 -9.42
N PHE B 137 11.33 5.85 -9.61
CA PHE B 137 11.62 4.95 -8.50
C PHE B 137 12.27 5.68 -7.35
N GLY B 138 11.84 5.32 -6.14
CA GLY B 138 12.33 5.90 -4.89
C GLY B 138 12.45 7.41 -4.99
N ASN B 139 11.36 8.06 -5.39
CA ASN B 139 11.32 9.50 -5.46
C ASN B 139 10.06 10.07 -4.85
N TYR B 140 10.14 11.30 -4.38
CA TYR B 140 8.95 11.98 -3.93
C TYR B 140 8.10 12.15 -5.15
N MET B 141 6.83 11.80 -5.01
CA MET B 141 5.86 11.87 -6.08
C MET B 141 4.57 12.33 -5.45
N ASN B 142 3.75 12.99 -6.25
CA ASN B 142 2.52 13.58 -5.78
C ASN B 142 1.50 13.17 -6.81
N ILE B 143 0.56 12.33 -6.41
CA ILE B 143 -0.36 11.72 -7.36
C ILE B 143 -1.82 12.00 -7.04
N ASP B 144 -2.49 12.70 -7.95
CA ASP B 144 -3.94 12.95 -7.84
C ASP B 144 -4.64 11.74 -8.43
N VAL B 145 -5.52 11.14 -7.63
CA VAL B 145 -6.18 9.92 -8.03
C VAL B 145 -7.67 10.13 -7.98
N THR B 146 -8.34 9.65 -9.03
CA THR B 146 -9.77 9.64 -9.07
C THR B 146 -10.28 8.22 -8.80
N ASN B 147 -10.56 7.93 -7.53
CA ASN B 147 -11.04 6.60 -7.20
C ASN B 147 -12.48 6.38 -7.70
N ASP B 148 -12.68 5.26 -8.39
CA ASP B 148 -13.92 4.96 -9.09
C ASP B 148 -14.73 3.88 -8.36
N GLY B 149 -15.40 4.30 -7.28
CA GLY B 149 -16.18 3.38 -6.46
C GLY B 149 -16.23 3.83 -5.01
N PRO B 150 -15.08 3.80 -4.32
CA PRO B 150 -13.80 3.32 -4.79
C PRO B 150 -13.77 1.80 -4.95
N VAL B 151 -12.74 1.30 -5.64
CA VAL B 151 -12.43 -0.15 -5.64
C VAL B 151 -10.95 -0.38 -5.29
N THR B 152 -10.74 -1.05 -4.15
CA THR B 152 -9.41 -1.27 -3.58
C THR B 152 -9.16 -2.76 -3.37
N ILE B 153 -8.08 -3.27 -3.95
CA ILE B 153 -7.79 -4.69 -3.88
C ILE B 153 -6.40 -4.95 -3.34
N TYR B 154 -6.31 -5.87 -2.38
CA TYR B 154 -5.03 -6.26 -1.77
C TYR B 154 -4.64 -7.66 -2.11
N ILE B 155 -3.37 -7.84 -2.48
CA ILE B 155 -2.83 -9.16 -2.71
C ILE B 155 -1.43 -9.29 -2.11
N ASP B 156 -1.27 -10.26 -1.21
CA ASP B 156 0.05 -10.55 -0.66
C ASP B 156 0.52 -11.88 -1.18
N THR B 157 1.49 -11.91 -2.09
CA THR B 157 1.83 -13.14 -2.80
C THR B 157 2.38 -14.16 -1.87
N HIS B 158 3.03 -13.73 -0.79
CA HIS B 158 3.50 -14.70 0.21
C HIS B 158 2.32 -15.35 0.98
N ASP B 159 1.15 -15.36 0.35
CA ASP B 159 0.00 -16.12 0.82
C ASP B 159 -0.17 -17.26 -0.14
N ILE B 160 0.82 -17.44 -0.99
CA ILE B 160 0.81 -18.48 -2.00
C ILE B 160 2.25 -18.92 -2.34
N ASN B 161 2.38 -19.88 -3.26
CA ASN B 161 3.68 -20.41 -3.74
C ASN B 161 3.53 -21.14 -5.09
N MET C 1 2.33 23.36 55.23
CA MET C 1 3.32 22.51 54.53
C MET C 1 2.66 21.81 53.36
N ARG C 2 3.23 21.98 52.17
CA ARG C 2 2.84 21.22 50.97
C ARG C 2 3.94 20.23 50.54
N VAL C 3 3.54 19.12 49.91
CA VAL C 3 4.53 18.29 49.20
C VAL C 3 4.04 17.80 47.84
N VAL C 4 4.97 17.58 46.94
CA VAL C 4 4.63 17.00 45.66
C VAL C 4 5.40 15.69 45.48
N ILE C 5 4.74 14.58 45.77
CA ILE C 5 5.33 13.24 45.64
C ILE C 5 5.24 12.72 44.22
N GLN C 6 6.33 12.12 43.74
CA GLN C 6 6.36 11.57 42.40
C GLN C 6 7.10 10.25 42.38
N ARG C 7 6.43 9.22 41.88
CA ARG C 7 7.09 7.94 41.83
C ARG C 7 8.19 7.95 40.77
N VAL C 8 9.36 7.42 41.12
CA VAL C 8 10.50 7.48 40.22
C VAL C 8 11.31 6.20 40.19
N LYS C 9 11.73 5.84 38.98
CA LYS C 9 12.74 4.81 38.73
C LYS C 9 14.14 5.31 39.08
N GLY C 10 14.28 6.62 39.27
CA GLY C 10 15.50 7.20 39.80
C GLY C 10 15.56 8.70 39.61
N ALA C 11 16.33 9.36 40.46
CA ALA C 11 16.66 10.76 40.20
C ALA C 11 18.14 10.98 40.41
N ILE C 12 18.69 11.94 39.68
CA ILE C 12 20.10 12.32 39.83
C ILE C 12 20.15 13.83 40.10
N LEU C 13 20.48 14.20 41.33
CA LEU C 13 20.59 15.61 41.72
C LEU C 13 22.03 16.14 41.57
N SER C 14 22.17 17.24 40.85
CA SER C 14 23.47 17.80 40.57
C SER C 14 23.45 19.31 40.70
N VAL C 15 24.52 19.87 41.26
CA VAL C 15 24.67 21.33 41.46
C VAL C 15 25.67 21.98 40.49
N ARG C 16 25.72 23.30 40.49
CA ARG C 16 26.75 24.02 39.74
C ARG C 16 28.04 24.13 40.58
N LYS C 17 29.16 23.71 40.02
CA LYS C 17 30.47 24.03 40.64
C LYS C 17 31.01 25.39 40.11
N GLU C 18 32.26 25.73 40.43
CA GLU C 18 32.91 26.96 39.90
C GLU C 18 34.19 26.68 39.08
N ASN C 23 34.90 25.92 29.86
CA ASN C 23 34.82 25.20 28.58
C ASN C 23 34.93 23.65 28.75
N GLU C 24 35.50 23.23 29.89
CA GLU C 24 35.25 21.93 30.58
C GLU C 24 33.74 21.62 30.79
N LYS C 25 33.37 21.14 32.01
CA LYS C 25 32.03 20.50 32.33
C LYS C 25 30.82 21.37 32.79
N GLU C 26 30.55 21.48 34.11
CA GLU C 26 29.50 22.43 34.61
C GLU C 26 28.73 21.95 35.82
N LEU C 27 27.94 20.89 35.61
CA LEU C 27 27.20 20.31 36.72
C LEU C 27 27.94 19.13 37.33
N GLU C 28 27.75 18.94 38.64
CA GLU C 28 28.37 17.81 39.32
C GLU C 28 27.41 17.14 40.30
N ILE C 29 27.43 15.81 40.34
CA ILE C 29 26.36 15.03 40.94
C ILE C 29 26.62 14.74 42.40
N ILE C 30 25.60 14.99 43.23
CA ILE C 30 25.77 14.86 44.67
C ILE C 30 24.80 13.88 45.37
N SER C 31 23.66 13.59 44.73
CA SER C 31 22.64 12.69 45.24
C SER C 31 22.01 11.88 44.15
N GLU C 32 21.66 10.65 44.48
CA GLU C 32 21.08 9.75 43.51
C GLU C 32 20.09 8.88 44.28
N ILE C 33 19.01 8.47 43.63
CA ILE C 33 18.16 7.39 44.13
C ILE C 33 17.79 6.52 42.95
N LYS C 34 17.51 5.25 43.17
CA LYS C 34 17.03 4.41 42.07
C LYS C 34 15.50 4.44 42.10
N ASN C 35 14.84 3.28 42.13
CA ASN C 35 13.39 3.25 42.44
C ASN C 35 13.16 3.87 43.80
N GLY C 36 12.09 4.65 43.88
CA GLY C 36 11.73 5.38 45.09
C GLY C 36 10.87 6.60 44.77
N LEU C 37 10.92 7.59 45.68
CA LEU C 37 10.16 8.83 45.54
C LEU C 37 11.01 10.08 45.50
N ILE C 38 10.50 11.12 44.85
CA ILE C 38 11.08 12.44 44.97
C ILE C 38 9.96 13.30 45.58
N CYS C 39 10.31 14.14 46.56
CA CYS C 39 9.32 14.93 47.28
C CYS C 39 9.73 16.38 47.30
N PHE C 40 8.82 17.21 46.80
CA PHE C 40 9.10 18.60 46.63
C PHE C 40 8.46 19.31 47.79
N LEU C 41 9.28 19.53 48.82
CA LEU C 41 8.78 19.96 50.11
C LEU C 41 8.68 21.44 50.29
N GLY C 42 7.43 21.91 50.34
CA GLY C 42 7.12 23.32 50.60
C GLY C 42 6.77 23.62 52.04
N ILE C 43 7.52 24.55 52.64
CA ILE C 43 7.42 24.87 54.08
C ILE C 43 6.78 26.24 54.39
N HIS C 44 5.54 26.23 54.92
CA HIS C 44 4.79 27.44 55.31
C HIS C 44 5.30 28.15 56.59
N LYS C 45 5.25 29.49 56.61
CA LYS C 45 5.68 30.24 57.81
C LYS C 45 4.90 29.93 59.07
N ASN C 46 3.60 29.62 58.97
CA ASN C 46 2.81 29.20 60.14
C ASN C 46 2.74 27.69 60.27
N ASP C 47 3.76 27.02 59.75
CA ASP C 47 3.82 25.56 59.89
C ASP C 47 4.18 25.20 61.32
N THR C 48 3.48 24.20 61.85
CA THR C 48 3.79 23.62 63.16
C THR C 48 4.42 22.24 62.90
N TRP C 49 5.37 21.82 63.73
CA TRP C 49 5.99 20.49 63.56
C TRP C 49 4.92 19.40 63.40
N GLU C 50 3.70 19.73 63.79
CA GLU C 50 2.53 18.91 63.50
C GLU C 50 2.39 18.65 61.97
N ASP C 51 2.50 19.73 61.18
CA ASP C 51 2.60 19.63 59.73
C ASP C 51 3.70 18.63 59.36
N ALA C 52 4.94 18.97 59.70
CA ALA C 52 6.11 18.11 59.43
C ALA C 52 5.94 16.62 59.79
N LEU C 53 5.00 16.32 60.68
CA LEU C 53 4.73 14.94 61.09
C LEU C 53 3.95 14.18 60.03
N TYR C 54 2.82 14.73 59.64
CA TYR C 54 1.89 14.11 58.69
C TYR C 54 2.60 13.73 57.39
N ILE C 55 3.18 14.74 56.75
CA ILE C 55 4.05 14.60 55.58
C ILE C 55 4.98 13.41 55.75
N ILE C 56 6.00 13.52 56.61
CA ILE C 56 6.95 12.44 56.79
C ILE C 56 6.23 11.12 56.85
N ARG C 57 5.34 11.00 57.82
CA ARG C 57 4.64 9.74 58.11
C ARG C 57 4.06 9.17 56.84
N LYS C 58 3.29 10.00 56.13
CA LYS C 58 2.64 9.58 54.90
C LYS C 58 3.64 9.06 53.86
N CYS C 59 4.54 9.91 53.39
CA CYS C 59 5.47 9.52 52.33
C CYS C 59 5.91 8.09 52.54
N LEU C 60 6.51 7.84 53.70
CA LEU C 60 7.04 6.53 54.06
C LEU C 60 5.96 5.45 54.11
N ASN C 61 4.82 5.81 54.68
CA ASN C 61 3.66 4.91 54.81
C ASN C 61 2.92 4.63 53.49
N LEU C 62 2.65 5.68 52.72
CA LEU C 62 1.82 5.58 51.51
C LEU C 62 2.22 4.44 50.57
N ARG C 63 1.27 3.53 50.36
CA ARG C 63 1.48 2.33 49.56
C ARG C 63 1.15 2.68 48.11
N LEU C 64 2.16 2.62 47.25
CA LEU C 64 2.05 3.19 45.90
C LEU C 64 2.49 2.27 44.75
N TRP C 65 3.49 1.43 44.99
CA TRP C 65 3.95 0.50 43.95
C TRP C 65 3.05 -0.73 43.86
N ASN C 66 2.59 -1.03 42.64
CA ASN C 66 1.84 -2.25 42.39
C ASN C 66 2.71 -3.47 42.62
N ASN C 67 2.46 -4.16 43.73
CA ASN C 67 3.04 -5.47 43.97
C ASN C 67 2.49 -6.51 42.98
N ASP C 68 3.41 -7.27 42.38
CA ASP C 68 3.12 -8.32 41.37
C ASP C 68 1.87 -9.15 41.71
N ASN C 69 0.74 -8.73 41.12
CA ASN C 69 -0.63 -9.23 41.42
C ASN C 69 -1.54 -8.09 41.91
N LYS C 70 -1.30 -7.61 43.12
CA LYS C 70 -2.18 -6.61 43.75
C LYS C 70 -1.74 -5.18 43.43
N THR C 71 -2.73 -4.32 43.19
CA THR C 71 -2.49 -2.91 42.84
C THR C 71 -2.46 -2.05 44.12
N TRP C 72 -1.80 -0.89 44.04
CA TRP C 72 -1.62 0.05 45.18
C TRP C 72 -1.35 -0.62 46.52
N ASP C 73 -0.63 -1.72 46.47
CA ASP C 73 -0.40 -2.56 47.64
C ASP C 73 0.79 -2.09 48.48
N LYS C 74 1.98 -2.01 47.89
CA LYS C 74 3.23 -1.87 48.68
C LYS C 74 3.78 -0.44 48.76
N ASN C 75 4.67 -0.21 49.72
CA ASN C 75 5.27 1.10 49.94
C ASN C 75 6.82 1.14 49.95
N VAL C 76 7.35 2.35 50.06
CA VAL C 76 8.78 2.64 49.90
C VAL C 76 9.66 1.79 50.80
N LYS C 77 9.30 1.81 52.08
CA LYS C 77 10.02 1.12 53.16
C LYS C 77 10.02 -0.36 52.86
N ASP C 78 8.82 -0.87 52.57
CA ASP C 78 8.61 -2.24 52.13
C ASP C 78 9.66 -2.66 51.10
N LEU C 79 9.83 -1.81 50.09
CA LEU C 79 10.58 -2.20 48.91
C LEU C 79 12.05 -1.88 48.94
N ASN C 80 12.52 -1.28 50.04
CA ASN C 80 13.92 -0.91 50.14
C ASN C 80 14.22 0.15 49.06
N TYR C 81 13.27 1.07 48.88
CA TYR C 81 13.33 2.12 47.84
C TYR C 81 13.64 3.48 48.46
N GLU C 82 14.27 4.37 47.71
CA GLU C 82 14.91 5.55 48.30
C GLU C 82 14.05 6.80 48.25
N LEU C 83 14.45 7.85 48.97
CA LEU C 83 13.74 9.13 48.86
C LEU C 83 14.63 10.37 48.60
N LEU C 84 14.02 11.38 47.99
CA LEU C 84 14.77 12.54 47.63
C LEU C 84 13.94 13.70 48.07
N ILE C 85 14.57 14.51 48.90
CA ILE C 85 13.87 15.52 49.65
C ILE C 85 14.51 16.84 49.30
N VAL C 86 13.69 17.77 48.84
CA VAL C 86 14.18 18.95 48.18
C VAL C 86 13.29 20.13 48.58
N SER C 87 13.87 21.09 49.30
CA SER C 87 13.12 22.26 49.70
C SER C 87 12.51 22.92 48.47
N GLN C 88 11.19 22.87 48.39
CA GLN C 88 10.51 23.56 47.32
C GLN C 88 9.65 24.68 47.84
N PHE C 89 10.29 25.82 48.04
CA PHE C 89 9.62 27.02 48.51
C PHE C 89 8.65 27.62 47.50
N THR C 90 8.77 27.20 46.25
CA THR C 90 7.98 27.78 45.17
C THR C 90 6.51 27.32 45.19
N LEU C 91 6.24 26.21 45.88
CA LEU C 91 4.87 25.71 46.05
C LEU C 91 3.91 26.77 46.60
N PHE C 92 4.45 27.72 47.37
CA PHE C 92 3.66 28.80 47.97
C PHE C 92 3.73 30.04 47.10
N GLY C 93 3.90 29.82 45.81
CA GLY C 93 3.64 30.88 44.86
C GLY C 93 2.14 31.06 44.92
N ASN C 94 1.71 32.30 45.11
CA ASN C 94 0.33 32.64 44.83
C ASN C 94 0.28 33.21 43.42
N THR C 95 -0.63 32.67 42.63
CA THR C 95 -0.69 33.01 41.22
C THR C 95 -1.89 33.91 40.89
N LYS C 96 -2.98 33.70 41.65
CA LYS C 96 -4.19 34.55 41.67
C LYS C 96 -3.85 36.02 41.56
N LYS C 97 -2.75 36.40 42.20
CA LYS C 97 -2.12 37.71 42.06
C LYS C 97 -2.09 38.18 40.59
N GLY C 98 -1.15 37.65 39.81
CA GLY C 98 -0.99 38.02 38.42
C GLY C 98 0.04 37.13 37.74
N ASN C 99 0.65 37.63 36.67
CA ASN C 99 1.62 36.82 35.91
C ASN C 99 2.99 36.66 36.59
N LYS C 100 3.07 37.14 37.82
CA LYS C 100 4.23 36.99 38.68
C LYS C 100 3.78 36.45 40.05
N PRO C 101 4.50 35.44 40.58
CA PRO C 101 4.10 34.70 41.79
C PRO C 101 4.72 35.21 43.10
N ASP C 102 3.95 35.21 44.18
CA ASP C 102 4.50 35.67 45.46
C ASP C 102 4.57 34.57 46.51
N PHE C 103 5.58 34.66 47.37
CA PHE C 103 5.90 33.60 48.31
C PHE C 103 5.93 34.13 49.76
N HIS C 104 5.19 35.22 50.01
CA HIS C 104 5.16 35.94 51.31
C HIS C 104 4.80 35.05 52.49
N LEU C 105 4.30 33.85 52.17
CA LEU C 105 3.69 32.96 53.16
C LEU C 105 4.49 31.68 53.36
N ALA C 106 5.60 31.56 52.64
CA ALA C 106 6.51 30.45 52.82
C ALA C 106 7.58 30.83 53.84
N LYS C 107 7.77 29.97 54.85
CA LYS C 107 8.72 30.18 55.94
C LYS C 107 10.04 30.70 55.39
N GLU C 108 10.62 31.66 56.12
CA GLU C 108 11.81 32.40 55.67
C GLU C 108 13.07 31.51 55.52
N PRO C 109 13.92 31.78 54.49
CA PRO C 109 15.19 31.08 54.21
C PRO C 109 16.09 30.63 55.38
N ASN C 110 16.47 31.53 56.31
CA ASN C 110 17.34 31.15 57.44
C ASN C 110 16.69 30.11 58.33
N GLU C 111 15.37 30.23 58.42
CA GLU C 111 14.56 29.55 59.42
C GLU C 111 13.89 28.30 58.90
N ALA C 112 13.51 28.33 57.63
CA ALA C 112 13.04 27.13 56.95
C ALA C 112 14.20 26.14 56.88
N LEU C 113 15.41 26.65 56.59
CA LEU C 113 16.62 25.84 56.47
C LEU C 113 16.77 24.88 57.64
N ILE C 114 16.48 25.38 58.83
CA ILE C 114 16.53 24.60 60.06
C ILE C 114 15.48 23.47 60.09
N PHE C 115 14.23 23.85 59.80
CA PHE C 115 13.08 22.97 59.76
C PHE C 115 13.31 21.72 58.91
N TYR C 116 13.59 21.92 57.62
CA TYR C 116 13.95 20.87 56.67
C TYR C 116 14.99 19.94 57.27
N ASN C 117 16.06 20.53 57.79
CA ASN C 117 17.10 19.79 58.46
C ASN C 117 16.54 18.89 59.57
N LYS C 118 15.55 19.42 60.29
CA LYS C 118 14.85 18.69 61.33
C LYS C 118 14.16 17.49 60.71
N ILE C 119 13.36 17.77 59.68
CA ILE C 119 12.60 16.77 58.96
C ILE C 119 13.50 15.65 58.44
N ILE C 120 14.64 15.99 57.85
CA ILE C 120 15.56 14.98 57.29
C ILE C 120 15.99 13.95 58.32
N ASP C 121 16.21 14.40 59.56
CA ASP C 121 16.62 13.49 60.63
C ASP C 121 15.44 12.63 61.11
N GLU C 122 14.24 13.21 61.07
CA GLU C 122 13.01 12.51 61.39
C GLU C 122 12.43 11.79 60.16
N PHE C 123 13.23 11.66 59.11
CA PHE C 123 12.96 10.73 58.03
C PHE C 123 13.86 9.55 58.24
N LYS C 124 15.14 9.85 58.44
CA LYS C 124 16.15 8.86 58.75
C LYS C 124 15.77 8.13 60.02
N LYS C 125 15.27 8.89 61.00
CA LYS C 125 14.82 8.36 62.29
C LYS C 125 13.68 7.34 62.16
N GLN C 126 12.88 7.45 61.10
CA GLN C 126 11.82 6.47 60.82
C GLN C 126 12.15 5.44 59.71
N TYR C 127 13.36 5.50 59.17
CA TYR C 127 13.84 4.55 58.14
C TYR C 127 15.28 4.16 58.47
N ASN C 128 16.23 4.89 57.88
CA ASN C 128 17.64 4.89 58.27
C ASN C 128 18.32 5.97 57.43
N ASP C 129 19.57 6.31 57.73
CA ASP C 129 20.28 7.37 56.98
C ASP C 129 20.66 6.95 55.56
N ASP C 130 20.65 5.63 55.32
CA ASP C 130 21.03 5.09 54.02
C ASP C 130 19.99 5.35 52.91
N LYS C 131 18.71 5.32 53.28
CA LYS C 131 17.66 5.35 52.26
C LYS C 131 16.89 6.68 52.20
N ILE C 132 17.56 7.75 52.62
CA ILE C 132 17.08 9.13 52.39
C ILE C 132 18.23 9.94 51.79
N LYS C 133 17.98 10.64 50.68
CA LYS C 133 18.98 11.57 50.15
C LYS C 133 18.44 12.97 50.10
N ILE C 134 19.33 13.93 49.93
CA ILE C 134 18.96 15.34 49.86
C ILE C 134 19.76 16.06 48.81
N GLY C 135 19.77 17.38 48.91
CA GLY C 135 20.56 18.23 48.02
C GLY C 135 20.93 19.53 48.69
N LYS C 136 21.69 20.38 48.01
CA LYS C 136 22.03 21.69 48.57
C LYS C 136 20.81 22.60 48.72
N PHE C 137 20.50 22.92 49.99
CA PHE C 137 19.23 23.51 50.39
C PHE C 137 18.71 24.62 49.46
N GLY C 138 19.26 25.82 49.60
CA GLY C 138 18.82 26.95 48.80
C GLY C 138 19.81 27.23 47.70
N ASN C 139 20.38 26.17 47.13
CA ASN C 139 21.20 26.26 45.95
C ASN C 139 20.37 25.94 44.73
N TYR C 140 20.75 26.50 43.58
CA TYR C 140 20.19 26.07 42.31
C TYR C 140 20.55 24.65 42.08
N MET C 141 19.55 23.80 41.85
CA MET C 141 19.81 22.44 41.51
C MET C 141 19.38 22.05 40.11
N ASN C 142 19.72 20.82 39.76
CA ASN C 142 19.37 20.26 38.48
C ASN C 142 19.11 18.79 38.76
N ILE C 143 17.86 18.35 38.60
CA ILE C 143 17.47 16.98 38.97
C ILE C 143 16.86 16.22 37.80
N ASP C 144 17.64 15.28 37.27
CA ASP C 144 17.11 14.31 36.31
C ASP C 144 16.24 13.30 37.07
N VAL C 145 14.97 13.24 36.71
CA VAL C 145 14.05 12.36 37.37
C VAL C 145 13.55 11.43 36.29
N THR C 146 13.63 10.14 36.53
CA THR C 146 12.90 9.22 35.68
C THR C 146 11.52 8.99 36.29
N ASN C 147 10.52 9.77 35.88
CA ASN C 147 9.18 9.58 36.42
C ASN C 147 8.64 8.22 36.05
N ASP C 148 8.27 7.42 37.06
CA ASP C 148 7.63 6.10 36.83
C ASP C 148 6.10 6.14 36.88
N GLY C 149 5.48 6.28 35.72
CA GLY C 149 4.02 6.21 35.62
C GLY C 149 3.38 7.20 34.67
N PRO C 150 3.47 8.48 35.01
CA PRO C 150 4.06 9.03 36.22
C PRO C 150 3.12 8.76 37.37
N VAL C 151 3.52 9.08 38.59
CA VAL C 151 2.62 8.93 39.75
C VAL C 151 2.77 10.11 40.68
N THR C 152 1.77 11.00 40.69
CA THR C 152 1.96 12.29 41.32
C THR C 152 0.94 12.58 42.41
N ILE C 153 1.32 12.28 43.66
CA ILE C 153 0.47 12.54 44.82
C ILE C 153 0.60 13.98 45.29
N TYR C 154 -0.51 14.58 45.74
CA TYR C 154 -0.46 15.95 46.31
C TYR C 154 -1.11 16.15 47.70
N ILE C 155 -0.29 16.51 48.68
CA ILE C 155 -0.73 16.75 50.05
C ILE C 155 -0.44 18.17 50.54
N ASP C 156 -1.50 18.87 50.94
CA ASP C 156 -1.38 20.09 51.73
C ASP C 156 -2.03 19.84 53.06
N THR C 157 -1.23 19.96 54.12
CA THR C 157 -1.66 19.70 55.50
C THR C 157 -2.56 20.80 56.08
N HIS C 158 -2.42 22.03 55.57
CA HIS C 158 -3.33 23.13 55.86
C HIS C 158 -4.75 22.90 55.28
N ASP C 159 -5.01 21.64 54.91
CA ASP C 159 -6.35 21.15 54.58
C ASP C 159 -6.90 20.39 55.79
N MET D 1 -9.77 20.85 39.28
CA MET D 1 -8.62 20.76 38.34
C MET D 1 -7.33 20.99 39.08
N ARG D 2 -6.31 20.23 38.74
CA ARG D 2 -5.06 20.36 39.47
C ARG D 2 -3.87 20.28 38.53
N VAL D 3 -2.86 21.11 38.78
CA VAL D 3 -1.64 21.03 38.01
C VAL D 3 -0.36 21.22 38.85
N VAL D 4 0.45 20.17 38.90
CA VAL D 4 1.85 20.34 39.21
C VAL D 4 2.47 20.83 37.92
N ILE D 5 3.00 22.06 37.94
CA ILE D 5 3.84 22.57 36.87
C ILE D 5 5.32 22.46 37.23
N GLN D 6 6.14 21.88 36.35
CA GLN D 6 7.59 21.87 36.59
C GLN D 6 8.40 22.60 35.54
N ARG D 7 9.30 23.48 35.96
CA ARG D 7 10.30 24.02 35.03
C ARG D 7 11.23 22.91 34.62
N VAL D 8 11.52 22.86 33.33
CA VAL D 8 12.43 21.85 32.83
C VAL D 8 13.48 22.45 31.89
N LYS D 9 14.63 21.78 31.77
CA LYS D 9 15.56 22.09 30.69
C LYS D 9 15.27 21.17 29.53
N GLY D 10 14.47 20.12 29.80
CA GLY D 10 14.04 19.11 28.81
C GLY D 10 13.25 17.95 29.42
N ALA D 11 12.41 17.32 28.61
CA ALA D 11 11.54 16.16 28.99
C ALA D 11 11.35 15.18 27.82
N ILE D 12 11.17 13.90 28.14
CA ILE D 12 11.10 12.86 27.12
C ILE D 12 10.04 11.81 27.54
N LEU D 13 8.91 11.82 26.85
CA LEU D 13 7.81 10.93 27.18
C LEU D 13 7.98 9.66 26.38
N SER D 14 7.91 8.53 27.07
CA SER D 14 8.05 7.25 26.43
C SER D 14 6.95 6.31 26.88
N VAL D 15 6.71 5.26 26.08
CA VAL D 15 5.67 4.26 26.38
C VAL D 15 6.14 2.84 26.10
N ARG D 16 5.38 1.88 26.63
CA ARG D 16 5.57 0.44 26.44
C ARG D 16 5.29 0.02 24.99
N LYS D 17 6.17 -0.78 24.41
CA LYS D 17 5.99 -1.18 23.02
C LYS D 17 4.91 -2.27 22.86
N GLU D 26 10.52 -2.99 27.04
CA GLU D 26 11.12 -1.97 26.18
C GLU D 26 10.17 -0.82 25.88
N LEU D 27 10.75 0.37 25.73
CA LEU D 27 10.02 1.62 25.72
C LEU D 27 10.33 2.44 24.45
N GLU D 28 9.27 2.85 23.77
CA GLU D 28 9.44 3.67 22.59
C GLU D 28 9.06 5.09 22.95
N ILE D 29 10.00 5.98 22.67
CA ILE D 29 9.91 7.41 22.92
C ILE D 29 8.84 7.96 22.03
N ILE D 30 7.90 8.70 22.60
CA ILE D 30 6.78 9.18 21.79
C ILE D 30 6.50 10.69 21.89
N SER D 31 7.43 11.42 22.51
CA SER D 31 7.26 12.86 22.72
C SER D 31 8.50 13.48 23.37
N GLU D 32 8.80 14.70 22.97
CA GLU D 32 10.01 15.34 23.42
C GLU D 32 9.90 16.83 23.51
N ILE D 33 10.48 17.35 24.57
CA ILE D 33 10.61 18.78 24.73
C ILE D 33 12.03 19.10 25.20
N LYS D 34 12.54 20.23 24.72
CA LYS D 34 13.72 20.81 25.34
C LYS D 34 13.24 21.64 26.51
N ASN D 35 13.73 22.87 26.62
CA ASN D 35 13.35 23.78 27.70
C ASN D 35 11.89 24.11 27.79
N GLY D 36 11.36 24.16 29.00
CA GLY D 36 9.97 24.58 29.17
C GLY D 36 9.30 24.09 30.42
N LEU D 37 8.00 23.82 30.32
CA LEU D 37 7.23 23.33 31.46
C LEU D 37 6.74 21.95 31.17
N ILE D 38 6.63 21.11 32.19
CA ILE D 38 5.78 19.92 32.10
C ILE D 38 4.66 20.02 33.14
N CYS D 39 3.41 19.99 32.66
CA CYS D 39 2.28 20.41 33.48
C CYS D 39 1.30 19.35 33.89
N PHE D 40 1.75 18.29 34.58
CA PHE D 40 0.85 17.18 35.04
C PHE D 40 -0.53 17.64 35.45
N LEU D 41 -1.52 17.24 34.66
CA LEU D 41 -2.89 17.69 34.85
C LEU D 41 -3.83 16.60 35.37
N GLY D 42 -4.69 17.02 36.30
CA GLY D 42 -5.68 16.15 36.88
C GLY D 42 -7.02 16.82 36.77
N ILE D 43 -7.92 16.17 36.03
CA ILE D 43 -9.28 16.68 35.82
C ILE D 43 -10.23 16.15 36.91
N HIS D 44 -11.09 17.04 37.40
CA HIS D 44 -12.08 16.75 38.44
C HIS D 44 -13.38 16.23 37.82
N LYS D 45 -14.09 15.41 38.59
CA LYS D 45 -15.45 14.96 38.27
C LYS D 45 -16.31 16.11 37.71
N ASN D 46 -16.31 17.24 38.41
CA ASN D 46 -17.19 18.35 38.08
C ASN D 46 -16.46 19.53 37.44
N ASP D 47 -15.32 19.25 36.83
CA ASP D 47 -14.57 20.27 36.11
C ASP D 47 -15.42 20.81 34.97
N THR D 48 -15.43 22.13 34.83
CA THR D 48 -16.17 22.83 33.78
C THR D 48 -15.15 23.59 32.95
N TRP D 49 -15.52 23.94 31.73
CA TRP D 49 -14.62 24.71 30.85
C TRP D 49 -14.03 25.95 31.52
N GLU D 50 -14.82 26.63 32.34
CA GLU D 50 -14.27 27.76 33.10
C GLU D 50 -12.91 27.36 33.69
N ASP D 51 -12.93 26.26 34.45
CA ASP D 51 -11.72 25.62 35.02
C ASP D 51 -10.58 25.60 34.04
N ALA D 52 -10.69 24.72 33.05
CA ALA D 52 -9.62 24.51 32.10
C ALA D 52 -9.05 25.82 31.56
N LEU D 53 -9.92 26.76 31.21
CA LEU D 53 -9.46 28.04 30.70
C LEU D 53 -8.39 28.67 31.58
N TYR D 54 -8.54 28.50 32.89
CA TYR D 54 -7.62 29.11 33.86
C TYR D 54 -6.25 28.43 33.81
N ILE D 55 -6.26 27.10 33.94
CA ILE D 55 -5.03 26.31 33.82
C ILE D 55 -4.29 26.79 32.60
N ILE D 56 -4.93 26.64 31.45
CA ILE D 56 -4.35 27.10 30.21
C ILE D 56 -3.77 28.51 30.33
N ARG D 57 -4.44 29.42 31.02
CA ARG D 57 -3.90 30.77 31.05
C ARG D 57 -2.77 30.95 32.04
N LYS D 58 -2.85 30.24 33.16
CA LYS D 58 -1.74 30.25 34.09
C LYS D 58 -0.50 29.68 33.41
N CYS D 59 -0.59 28.46 32.85
CA CYS D 59 0.54 27.84 32.15
C CYS D 59 1.31 28.71 31.12
N LEU D 60 0.61 29.16 30.08
CA LEU D 60 1.24 29.95 29.03
C LEU D 60 1.81 31.29 29.53
N ASN D 61 1.23 31.84 30.60
CA ASN D 61 1.52 33.21 30.98
C ASN D 61 2.26 33.41 32.28
N LEU D 62 2.52 32.33 32.99
CA LEU D 62 3.34 32.43 34.17
C LEU D 62 4.79 32.65 33.85
N ARG D 63 5.28 33.77 34.37
CA ARG D 63 6.66 34.19 34.20
C ARG D 63 7.56 33.44 35.16
N LEU D 64 8.21 32.38 34.68
CA LEU D 64 8.98 31.48 35.56
C LEU D 64 10.49 31.37 35.30
N TRP D 65 10.99 32.09 34.31
CA TRP D 65 12.41 32.16 34.07
C TRP D 65 12.92 33.54 34.45
N ASN D 66 14.17 33.63 34.91
CA ASN D 66 14.83 34.91 35.09
C ASN D 66 14.94 35.66 33.77
N ASN D 67 15.43 36.90 33.85
CA ASN D 67 15.91 37.67 32.71
C ASN D 67 17.08 38.51 33.25
N ASP D 68 18.30 38.04 32.98
CA ASP D 68 19.49 38.45 33.72
C ASP D 68 19.18 38.38 35.22
N ASN D 69 19.24 39.53 35.89
CA ASN D 69 18.92 39.65 37.30
C ASN D 69 17.55 39.24 37.68
N LYS D 70 16.62 39.50 36.77
CA LYS D 70 15.20 39.56 37.09
C LYS D 70 14.67 38.17 37.17
N THR D 71 14.46 37.71 38.41
CA THR D 71 13.86 36.41 38.69
C THR D 71 12.39 36.47 38.35
N TRP D 72 11.78 35.31 38.10
CA TRP D 72 10.38 35.27 37.66
C TRP D 72 10.09 36.51 36.81
N ASP D 73 10.60 36.54 35.58
CA ASP D 73 10.34 37.68 34.69
C ASP D 73 9.66 37.32 33.37
N LYS D 74 10.08 36.23 32.74
CA LYS D 74 9.54 35.91 31.43
C LYS D 74 8.63 34.71 31.52
N ASN D 75 7.61 34.65 30.69
CA ASN D 75 6.73 33.48 30.67
C ASN D 75 7.18 32.49 29.60
N VAL D 76 6.70 31.26 29.68
CA VAL D 76 7.11 30.26 28.69
C VAL D 76 7.01 30.82 27.26
N LYS D 77 5.88 31.38 26.89
CA LYS D 77 5.74 31.97 25.54
C LYS D 77 6.87 32.95 25.15
N ASP D 78 7.21 33.89 26.04
CA ASP D 78 8.20 34.96 25.78
C ASP D 78 9.50 34.42 25.23
N LEU D 79 9.76 33.14 25.46
CA LEU D 79 11.06 32.54 25.12
C LEU D 79 10.94 31.48 24.03
N ASN D 80 9.76 31.37 23.42
CA ASN D 80 9.49 30.32 22.45
C ASN D 80 9.85 28.95 23.01
N TYR D 81 9.18 28.56 24.09
CA TYR D 81 9.45 27.28 24.76
C TYR D 81 8.30 26.30 24.63
N GLU D 82 8.57 25.03 24.93
CA GLU D 82 7.54 23.99 24.84
C GLU D 82 6.88 23.68 26.18
N LEU D 83 5.67 23.12 26.10
CA LEU D 83 5.05 22.49 27.25
C LEU D 83 4.75 21.04 26.89
N LEU D 84 5.11 20.11 27.76
CA LEU D 84 4.60 18.76 27.67
C LEU D 84 3.42 18.67 28.60
N ILE D 85 2.25 18.34 28.06
CA ILE D 85 1.03 18.31 28.89
C ILE D 85 0.54 16.88 29.10
N VAL D 86 0.45 16.49 30.35
CA VAL D 86 0.27 15.09 30.65
C VAL D 86 -0.92 14.91 31.57
N SER D 87 -1.50 13.71 31.51
CA SER D 87 -2.72 13.40 32.23
C SER D 87 -2.36 12.76 33.55
N GLN D 88 -2.58 13.47 34.64
CA GLN D 88 -2.21 12.91 35.93
C GLN D 88 -3.37 12.81 36.93
N PHE D 89 -4.07 11.69 36.84
CA PHE D 89 -5.30 11.49 37.61
C PHE D 89 -5.05 11.31 39.12
N THR D 90 -3.81 11.02 39.48
CA THR D 90 -3.53 10.71 40.86
C THR D 90 -3.43 11.99 41.69
N LEU D 91 -3.61 13.11 41.02
CA LEU D 91 -3.53 14.40 41.70
C LEU D 91 -4.68 14.57 42.67
N PHE D 92 -5.81 13.96 42.34
CA PHE D 92 -6.90 13.80 43.30
C PHE D 92 -6.71 12.44 43.92
N GLY D 93 -5.65 12.33 44.71
CA GLY D 93 -5.35 11.14 45.46
C GLY D 93 -5.82 11.40 46.88
N ASN D 94 -7.06 10.97 47.15
CA ASN D 94 -7.63 11.05 48.49
C ASN D 94 -6.91 10.10 49.43
N THR D 95 -6.11 10.69 50.32
CA THR D 95 -5.18 9.94 51.16
C THR D 95 -5.34 10.37 52.61
N LYS D 96 -6.41 11.13 52.87
CA LYS D 96 -6.82 11.53 54.22
C LYS D 96 -6.89 10.31 55.14
N LYS D 97 -7.64 9.29 54.72
CA LYS D 97 -7.69 8.06 55.50
C LYS D 97 -6.90 6.96 54.80
N GLY D 98 -5.94 6.39 55.53
CA GLY D 98 -5.21 5.20 55.08
C GLY D 98 -4.13 5.40 54.04
N ASN D 99 -3.04 4.64 54.19
CA ASN D 99 -1.95 4.59 53.23
C ASN D 99 -2.31 3.74 52.01
N LYS D 100 -3.56 3.88 51.57
CA LYS D 100 -3.99 3.40 50.27
C LYS D 100 -4.82 4.54 49.68
N PRO D 101 -4.37 5.09 48.54
CA PRO D 101 -4.99 6.27 47.95
C PRO D 101 -6.39 5.98 47.42
N ASP D 102 -7.10 7.04 47.08
CA ASP D 102 -8.48 6.92 46.62
C ASP D 102 -8.77 7.93 45.52
N PHE D 103 -9.28 7.46 44.39
CA PHE D 103 -9.47 8.35 43.25
C PHE D 103 -10.95 8.43 42.81
N HIS D 104 -11.78 9.06 43.64
CA HIS D 104 -13.19 9.20 43.29
C HIS D 104 -13.48 10.54 42.64
N LEU D 105 -13.10 11.63 43.32
CA LEU D 105 -13.38 12.99 42.84
C LEU D 105 -12.85 13.25 41.41
N ALA D 106 -12.23 12.22 40.83
CA ALA D 106 -11.55 12.34 39.54
C ALA D 106 -12.38 11.84 38.37
N LYS D 107 -12.85 12.77 37.55
CA LYS D 107 -13.55 12.49 36.29
C LYS D 107 -12.99 11.26 35.55
N GLU D 108 -13.93 10.47 35.01
CA GLU D 108 -13.64 9.19 34.38
C GLU D 108 -13.05 9.36 32.97
N PRO D 109 -12.06 8.52 32.61
CA PRO D 109 -11.38 8.56 31.32
C PRO D 109 -12.13 9.21 30.14
N ASN D 110 -13.35 8.74 29.85
CA ASN D 110 -14.05 9.07 28.60
C ASN D 110 -14.60 10.50 28.47
N GLU D 111 -15.28 11.00 29.51
CA GLU D 111 -15.65 12.40 29.57
C GLU D 111 -14.35 13.18 29.62
N ALA D 112 -13.38 12.60 30.33
CA ALA D 112 -12.06 13.19 30.58
C ALA D 112 -11.26 13.33 29.30
N LEU D 113 -10.90 12.20 28.68
CA LEU D 113 -10.20 12.17 27.38
C LEU D 113 -10.72 13.28 26.46
N ILE D 114 -12.04 13.44 26.43
CA ILE D 114 -12.62 14.49 25.59
C ILE D 114 -12.35 15.88 26.18
N PHE D 115 -12.56 16.04 27.48
CA PHE D 115 -12.25 17.31 28.11
C PHE D 115 -10.77 17.61 27.92
N TYR D 116 -9.94 16.64 28.29
CA TYR D 116 -8.50 16.73 28.10
C TYR D 116 -8.16 17.27 26.71
N ASN D 117 -8.52 16.49 25.69
CA ASN D 117 -8.25 16.86 24.30
C ASN D 117 -8.79 18.22 23.91
N LYS D 118 -9.97 18.56 24.44
CA LYS D 118 -10.51 19.92 24.26
C LYS D 118 -9.46 20.92 24.70
N ILE D 119 -8.91 20.68 25.88
CA ILE D 119 -7.89 21.53 26.47
C ILE D 119 -6.75 21.63 25.48
N ILE D 120 -6.15 20.47 25.20
CA ILE D 120 -5.03 20.39 24.26
C ILE D 120 -5.26 21.24 23.03
N ASP D 121 -6.49 21.22 22.50
CA ASP D 121 -6.82 22.01 21.29
C ASP D 121 -6.76 23.48 21.60
N GLU D 122 -7.37 23.87 22.71
CA GLU D 122 -7.32 25.26 23.13
C GLU D 122 -5.86 25.69 23.30
N PHE D 123 -5.04 24.82 23.89
CA PHE D 123 -3.60 25.08 24.06
C PHE D 123 -2.92 25.30 22.71
N LYS D 124 -2.87 24.25 21.89
CA LYS D 124 -2.39 24.37 20.52
C LYS D 124 -2.99 25.61 19.86
N LYS D 125 -4.25 25.93 20.21
CA LYS D 125 -4.95 27.10 19.65
C LYS D 125 -4.49 28.44 20.23
N GLN D 126 -4.11 28.44 21.51
CA GLN D 126 -3.69 29.66 22.18
C GLN D 126 -2.16 29.72 22.26
N TYR D 127 -1.47 28.87 21.49
CA TYR D 127 -0.01 28.98 21.40
C TYR D 127 0.51 28.67 20.00
N ASN D 128 0.80 27.39 19.74
CA ASN D 128 1.36 26.98 18.46
C ASN D 128 1.22 25.47 18.38
N ASP D 129 0.85 24.97 17.21
CA ASP D 129 0.71 23.52 17.01
C ASP D 129 1.98 22.79 17.47
N ASP D 130 3.13 23.36 17.15
CA ASP D 130 4.43 22.82 17.52
C ASP D 130 4.71 22.74 18.99
N LYS D 131 4.61 23.90 19.63
CA LYS D 131 5.17 24.07 20.94
C LYS D 131 4.43 23.30 22.02
N ILE D 132 3.39 22.57 21.62
CA ILE D 132 2.62 21.76 22.56
C ILE D 132 2.86 20.28 22.33
N LYS D 133 3.29 19.56 23.37
CA LYS D 133 3.41 18.11 23.29
C LYS D 133 2.55 17.39 24.33
N ILE D 134 2.09 16.20 23.98
CA ILE D 134 1.32 15.35 24.91
C ILE D 134 2.00 14.00 25.11
N GLY D 135 1.30 13.12 25.83
CA GLY D 135 1.66 11.72 25.92
C GLY D 135 0.41 10.90 25.73
N LYS D 136 0.54 9.58 25.82
CA LYS D 136 -0.60 8.68 25.62
C LYS D 136 -1.55 8.70 26.84
N PHE D 137 -2.69 9.38 26.66
CA PHE D 137 -3.71 9.58 27.69
C PHE D 137 -4.16 8.28 28.29
N GLY D 138 -4.11 8.19 29.61
CA GLY D 138 -4.58 6.99 30.28
C GLY D 138 -3.73 5.77 29.99
N ASN D 139 -2.47 6.01 29.63
CA ASN D 139 -1.45 4.96 29.49
C ASN D 139 -0.31 5.07 30.49
N TYR D 140 0.09 3.92 31.04
CA TYR D 140 1.37 3.86 31.72
C TYR D 140 2.50 4.46 30.83
N MET D 141 3.07 5.58 31.29
CA MET D 141 4.19 6.25 30.61
C MET D 141 5.46 6.16 31.47
N ASN D 142 6.49 6.85 31.00
CA ASN D 142 7.80 6.82 31.66
C ASN D 142 8.50 8.07 31.19
N ILE D 143 8.60 9.06 32.07
CA ILE D 143 9.09 10.40 31.68
C ILE D 143 10.39 10.80 32.35
N ASP D 144 11.41 10.97 31.53
CA ASP D 144 12.61 11.64 31.99
C ASP D 144 12.39 13.14 31.96
N VAL D 145 12.72 13.77 33.07
CA VAL D 145 12.42 15.15 33.25
C VAL D 145 13.66 15.81 33.83
N THR D 146 14.07 16.92 33.23
CA THR D 146 15.14 17.70 33.82
C THR D 146 14.59 18.92 34.55
N ASN D 147 14.14 18.70 35.77
CA ASN D 147 13.72 19.80 36.60
C ASN D 147 14.86 20.80 36.61
N ASP D 148 14.53 22.07 36.45
CA ASP D 148 15.53 23.12 36.31
C ASP D 148 15.40 24.14 37.44
N GLY D 149 15.90 23.77 38.62
CA GLY D 149 15.90 24.71 39.74
C GLY D 149 16.02 23.96 41.04
N PRO D 150 14.99 23.16 41.37
CA PRO D 150 13.79 23.05 40.55
C PRO D 150 12.79 24.17 40.81
N VAL D 151 11.78 24.22 39.95
CA VAL D 151 10.66 25.12 40.10
C VAL D 151 9.45 24.25 39.90
N THR D 152 8.65 24.14 40.95
CA THR D 152 7.43 23.38 40.92
C THR D 152 6.30 24.27 41.40
N ILE D 153 5.56 24.87 40.48
CA ILE D 153 4.37 25.63 40.85
C ILE D 153 3.11 24.77 40.89
N TYR D 154 2.35 24.87 41.97
CA TYR D 154 1.06 24.16 42.07
C TYR D 154 -0.17 25.08 42.11
N ILE D 155 -1.15 24.82 41.24
CA ILE D 155 -2.42 25.53 41.26
C ILE D 155 -3.60 24.59 41.34
N ASP D 156 -4.66 25.04 41.99
CA ASP D 156 -5.94 24.33 42.03
C ASP D 156 -7.00 25.37 41.75
N THR D 157 -7.92 25.03 40.86
CA THR D 157 -8.94 25.96 40.37
C THR D 157 -10.15 26.03 41.32
N HIS D 158 -10.28 25.03 42.20
CA HIS D 158 -11.30 25.00 43.24
C HIS D 158 -10.95 25.90 44.45
N ASP D 159 -10.33 27.06 44.15
CA ASP D 159 -10.05 28.11 45.14
C ASP D 159 -10.34 29.50 44.53
N MET E 1 9.91 -29.00 -46.67
CA MET E 1 9.40 -27.64 -46.33
C MET E 1 7.93 -27.68 -45.94
N ARG E 2 7.56 -26.72 -45.09
CA ARG E 2 6.16 -26.45 -44.76
C ARG E 2 5.87 -24.95 -44.91
N VAL E 3 4.67 -24.64 -45.40
CA VAL E 3 4.27 -23.28 -45.71
C VAL E 3 2.78 -23.06 -45.37
N VAL E 4 2.50 -22.06 -44.52
CA VAL E 4 1.13 -21.62 -44.33
C VAL E 4 0.80 -20.40 -45.16
N ILE E 5 -0.20 -20.57 -46.01
CA ILE E 5 -0.65 -19.52 -46.86
C ILE E 5 -1.96 -19.08 -46.27
N GLN E 6 -2.00 -17.82 -45.85
CA GLN E 6 -3.24 -17.18 -45.50
C GLN E 6 -3.53 -16.07 -46.49
N ARG E 7 -4.82 -15.83 -46.70
CA ARG E 7 -5.31 -14.84 -47.67
C ARG E 7 -5.84 -13.59 -46.98
N VAL E 8 -5.52 -12.46 -47.60
CA VAL E 8 -5.52 -11.14 -46.95
C VAL E 8 -6.21 -10.03 -47.76
N LYS E 9 -6.78 -9.05 -47.06
CA LYS E 9 -7.02 -7.73 -47.65
C LYS E 9 -5.73 -6.92 -47.50
N GLY E 10 -4.93 -7.28 -46.49
CA GLY E 10 -3.60 -6.72 -46.35
C GLY E 10 -2.83 -7.18 -45.12
N ALA E 11 -1.57 -6.72 -45.07
CA ALA E 11 -0.74 -6.82 -43.87
C ALA E 11 0.19 -5.59 -43.81
N ILE E 12 0.76 -5.33 -42.62
CA ILE E 12 1.64 -4.19 -42.42
C ILE E 12 2.78 -4.57 -41.44
N LEU E 13 3.76 -5.31 -41.95
CA LEU E 13 4.87 -5.77 -41.12
C LEU E 13 5.74 -4.64 -40.54
N SER E 14 6.06 -4.77 -39.24
CA SER E 14 6.94 -3.85 -38.49
C SER E 14 8.02 -4.61 -37.70
N VAL E 15 9.21 -4.03 -37.58
CA VAL E 15 10.33 -4.66 -36.81
C VAL E 15 10.89 -3.81 -35.66
N GLU E 28 8.67 0.18 -36.11
CA GLU E 28 8.41 0.95 -37.34
C GLU E 28 8.03 0.04 -38.52
N ILE E 29 7.07 0.48 -39.32
CA ILE E 29 6.54 -0.33 -40.43
C ILE E 29 7.61 -0.46 -41.52
N ILE E 30 7.95 -1.68 -41.92
CA ILE E 30 8.92 -1.82 -43.03
C ILE E 30 8.35 -2.46 -44.31
N SER E 31 7.41 -3.41 -44.16
CA SER E 31 6.75 -4.07 -45.30
C SER E 31 5.27 -3.71 -45.36
N GLU E 32 4.68 -3.83 -46.56
CA GLU E 32 3.26 -3.57 -46.71
C GLU E 32 2.73 -4.19 -48.00
N ILE E 33 1.57 -4.83 -47.91
CA ILE E 33 0.87 -5.39 -49.08
C ILE E 33 -0.63 -5.25 -48.95
N LYS E 34 -1.30 -5.12 -50.10
CA LYS E 34 -2.76 -4.93 -50.14
C LYS E 34 -3.37 -6.31 -50.25
N ASN E 35 -4.39 -6.46 -51.11
CA ASN E 35 -4.96 -7.79 -51.39
C ASN E 35 -3.85 -8.74 -51.78
N GLY E 36 -3.91 -9.98 -51.27
CA GLY E 36 -2.90 -11.00 -51.60
C GLY E 36 -2.68 -12.12 -50.60
N LEU E 37 -1.42 -12.45 -50.35
CA LEU E 37 -1.06 -13.59 -49.50
C LEU E 37 0.09 -13.34 -48.57
N ILE E 38 -0.04 -13.84 -47.35
CA ILE E 38 1.08 -13.91 -46.46
C ILE E 38 1.52 -15.37 -46.42
N CYS E 39 2.80 -15.62 -46.58
CA CYS E 39 3.26 -16.99 -46.62
C CYS E 39 4.33 -17.19 -45.60
N PHE E 40 4.00 -17.96 -44.57
CA PHE E 40 4.96 -18.32 -43.53
C PHE E 40 5.58 -19.58 -44.03
N LEU E 41 6.89 -19.69 -43.88
CA LEU E 41 7.62 -20.72 -44.59
C LEU E 41 8.85 -21.10 -43.82
N GLY E 42 8.89 -22.36 -43.43
CA GLY E 42 10.04 -22.90 -42.72
C GLY E 42 10.83 -23.79 -43.65
N ILE E 43 12.15 -23.77 -43.47
CA ILE E 43 13.03 -24.60 -44.29
C ILE E 43 13.58 -25.80 -43.49
N HIS E 44 13.25 -26.99 -43.97
CA HIS E 44 13.65 -28.24 -43.34
C HIS E 44 15.09 -28.50 -43.71
N LYS E 45 15.83 -29.18 -42.84
CA LYS E 45 17.26 -29.46 -43.07
C LYS E 45 17.56 -30.07 -44.46
N ASN E 46 16.73 -31.02 -44.88
CA ASN E 46 16.92 -31.77 -46.14
C ASN E 46 16.20 -31.19 -47.37
N ASP E 47 15.72 -29.95 -47.27
CA ASP E 47 15.02 -29.33 -48.38
C ASP E 47 16.02 -28.98 -49.48
N THR E 48 15.77 -29.48 -50.69
CA THR E 48 16.61 -29.18 -51.87
C THR E 48 16.13 -27.90 -52.56
N TRP E 49 16.53 -27.72 -53.82
CA TRP E 49 15.87 -26.73 -54.66
C TRP E 49 14.52 -27.30 -55.10
N GLU E 50 14.38 -28.61 -54.93
CA GLU E 50 13.18 -29.36 -55.28
C GLU E 50 11.97 -28.95 -54.43
N ASP E 51 12.07 -29.12 -53.11
CA ASP E 51 11.02 -28.75 -52.15
C ASP E 51 10.60 -27.29 -52.28
N ALA E 52 11.59 -26.42 -52.45
CA ALA E 52 11.34 -24.99 -52.63
C ALA E 52 10.37 -24.74 -53.77
N LEU E 53 10.59 -25.44 -54.88
CA LEU E 53 9.73 -25.28 -56.06
C LEU E 53 8.28 -25.56 -55.78
N TYR E 54 7.99 -26.79 -55.29
CA TYR E 54 6.61 -27.17 -55.03
C TYR E 54 5.95 -26.09 -54.20
N ILE E 55 6.69 -25.56 -53.24
CA ILE E 55 6.24 -24.39 -52.49
C ILE E 55 6.10 -23.26 -53.49
N ILE E 56 7.21 -22.66 -53.90
CA ILE E 56 7.16 -21.45 -54.73
C ILE E 56 6.04 -21.56 -55.75
N ARG E 57 5.93 -22.72 -56.39
CA ARG E 57 4.91 -22.97 -57.38
C ARG E 57 3.51 -22.85 -56.76
N LYS E 58 3.11 -23.86 -56.00
CA LYS E 58 1.79 -23.93 -55.36
C LYS E 58 1.34 -22.60 -54.77
N CYS E 59 2.30 -21.75 -54.45
CA CYS E 59 1.99 -20.47 -53.86
C CYS E 59 1.35 -19.56 -54.88
N LEU E 60 2.01 -19.45 -56.03
CA LEU E 60 1.63 -18.48 -57.06
C LEU E 60 0.42 -18.93 -57.89
N ASN E 61 0.17 -20.25 -57.88
CA ASN E 61 -0.64 -20.91 -58.89
C ASN E 61 -1.94 -21.53 -58.38
N LEU E 62 -2.12 -21.52 -57.05
CA LEU E 62 -3.35 -22.01 -56.45
C LEU E 62 -4.48 -21.02 -56.70
N ARG E 63 -5.56 -21.54 -57.28
CA ARG E 63 -6.73 -20.74 -57.59
C ARG E 63 -7.50 -20.47 -56.29
N LEU E 64 -7.23 -19.31 -55.68
CA LEU E 64 -7.70 -19.01 -54.30
C LEU E 64 -8.68 -17.83 -54.11
N TRP E 65 -8.94 -17.10 -55.19
CA TRP E 65 -10.04 -16.15 -55.21
C TRP E 65 -11.12 -16.64 -56.20
N ASN E 66 -12.33 -16.17 -55.98
CA ASN E 66 -13.47 -16.66 -56.70
C ASN E 66 -13.90 -15.72 -57.80
N ASN E 67 -13.25 -15.81 -58.96
CA ASN E 67 -13.68 -15.03 -60.13
C ASN E 67 -15.18 -15.24 -60.44
N ASP E 68 -15.96 -14.22 -60.11
CA ASP E 68 -17.43 -14.23 -60.08
C ASP E 68 -18.18 -15.52 -60.38
N ASN E 69 -19.04 -15.89 -59.43
CA ASN E 69 -19.86 -17.10 -59.54
C ASN E 69 -19.01 -18.37 -59.56
N LYS E 70 -18.00 -18.43 -60.43
CA LYS E 70 -16.97 -19.48 -60.36
C LYS E 70 -16.23 -19.30 -59.06
N THR E 71 -15.96 -20.40 -58.37
CA THR E 71 -15.17 -20.31 -57.15
C THR E 71 -13.80 -20.93 -57.39
N TRP E 72 -12.93 -20.82 -56.37
CA TRP E 72 -11.59 -21.40 -56.41
C TRP E 72 -11.11 -21.38 -57.85
N ASP E 73 -11.02 -20.17 -58.38
CA ASP E 73 -10.84 -19.98 -59.80
C ASP E 73 -9.61 -19.18 -60.16
N LYS E 74 -9.31 -18.14 -59.41
CA LYS E 74 -8.22 -17.27 -59.80
C LYS E 74 -7.06 -17.31 -58.84
N ASN E 75 -5.88 -17.54 -59.38
CA ASN E 75 -4.67 -17.61 -58.60
C ASN E 75 -4.11 -16.21 -58.38
N VAL E 76 -3.12 -16.12 -57.48
CA VAL E 76 -2.46 -14.85 -57.16
C VAL E 76 -2.23 -13.96 -58.37
N LYS E 77 -1.40 -14.46 -59.29
CA LYS E 77 -0.94 -13.74 -60.47
C LYS E 77 -2.09 -13.13 -61.25
N ASP E 78 -3.03 -13.98 -61.65
CA ASP E 78 -4.24 -13.56 -62.37
C ASP E 78 -4.84 -12.21 -61.88
N LEU E 79 -4.95 -12.01 -60.58
CA LEU E 79 -5.53 -10.78 -60.06
C LEU E 79 -4.48 -9.70 -59.82
N ASN E 80 -3.22 -10.06 -60.04
CA ASN E 80 -2.11 -9.12 -59.92
C ASN E 80 -2.01 -8.54 -58.52
N TYR E 81 -1.99 -9.42 -57.53
CA TYR E 81 -1.91 -8.98 -56.17
C TYR E 81 -0.48 -9.01 -55.65
N GLU E 82 -0.33 -9.20 -54.34
CA GLU E 82 0.97 -9.25 -53.68
C GLU E 82 1.12 -10.50 -52.81
N LEU E 83 2.32 -10.72 -52.29
CA LEU E 83 2.61 -11.86 -51.40
C LEU E 83 3.73 -11.55 -50.42
N LEU E 84 3.38 -11.09 -49.23
CA LEU E 84 4.32 -11.08 -48.11
C LEU E 84 4.72 -12.51 -47.84
N ILE E 85 6.03 -12.73 -47.74
CA ILE E 85 6.64 -14.05 -47.56
C ILE E 85 7.52 -14.02 -46.33
N VAL E 86 7.22 -14.83 -45.32
CA VAL E 86 7.89 -14.70 -44.02
C VAL E 86 8.49 -16.01 -43.53
N SER E 87 9.64 -15.93 -42.89
CA SER E 87 10.45 -17.10 -42.56
C SER E 87 10.10 -17.69 -41.21
N GLN E 88 9.54 -18.90 -41.20
CA GLN E 88 8.90 -19.45 -39.98
C GLN E 88 9.34 -20.85 -39.53
N PHE E 89 10.48 -20.93 -38.87
CA PHE E 89 11.04 -22.22 -38.44
C PHE E 89 10.16 -22.90 -37.41
N THR E 90 9.33 -22.08 -36.77
CA THR E 90 8.28 -22.54 -35.84
C THR E 90 7.37 -23.61 -36.46
N LEU E 91 7.20 -23.55 -37.77
CA LEU E 91 6.49 -24.57 -38.53
C LEU E 91 7.24 -25.90 -38.57
N PHE E 92 8.39 -25.94 -37.93
CA PHE E 92 9.05 -27.23 -37.69
C PHE E 92 9.13 -27.52 -36.20
N GLY E 93 8.15 -27.00 -35.48
CA GLY E 93 8.13 -27.11 -34.05
C GLY E 93 7.48 -28.39 -33.64
N ASN E 94 8.29 -29.43 -33.52
CA ASN E 94 7.85 -30.73 -33.00
C ASN E 94 7.04 -30.63 -31.67
N THR E 95 5.73 -30.88 -31.76
CA THR E 95 4.86 -30.86 -30.59
C THR E 95 4.57 -32.27 -30.06
N LYS E 96 5.06 -33.29 -30.77
CA LYS E 96 4.88 -34.67 -30.39
C LYS E 96 5.50 -34.92 -29.02
N LYS E 97 6.67 -34.30 -28.77
CA LYS E 97 7.52 -34.63 -27.62
C LYS E 97 6.97 -34.10 -26.30
N GLY E 98 6.23 -33.00 -26.37
CA GLY E 98 5.74 -32.30 -25.18
C GLY E 98 5.34 -30.87 -25.47
N ASN E 99 5.41 -30.02 -24.46
CA ASN E 99 4.82 -28.70 -24.60
C ASN E 99 5.81 -27.57 -24.86
N LYS E 100 7.06 -27.75 -24.42
CA LYS E 100 8.19 -26.99 -24.92
C LYS E 100 8.57 -27.59 -26.26
N PRO E 101 8.24 -26.91 -27.36
CA PRO E 101 8.55 -27.43 -28.68
C PRO E 101 10.07 -27.55 -28.96
N ASP E 102 10.43 -28.21 -30.05
CA ASP E 102 11.81 -28.15 -30.56
C ASP E 102 11.80 -28.08 -32.08
N PHE E 103 12.86 -27.51 -32.65
CA PHE E 103 12.94 -27.28 -34.09
C PHE E 103 14.14 -27.99 -34.72
N HIS E 104 14.53 -29.11 -34.12
CA HIS E 104 15.63 -29.92 -34.62
C HIS E 104 15.55 -30.21 -36.11
N LEU E 105 14.35 -30.45 -36.60
CA LEU E 105 14.12 -30.81 -38.01
C LEU E 105 14.06 -29.58 -38.95
N ALA E 106 14.41 -28.40 -38.43
CA ALA E 106 14.34 -27.16 -39.21
C ALA E 106 15.72 -26.64 -39.54
N LYS E 107 15.98 -26.45 -40.84
CA LYS E 107 17.32 -26.15 -41.36
C LYS E 107 18.02 -25.04 -40.61
N GLU E 108 19.26 -25.33 -40.24
CA GLU E 108 20.18 -24.42 -39.58
C GLU E 108 19.99 -22.95 -40.05
N PRO E 109 19.81 -22.01 -39.09
CA PRO E 109 19.45 -20.59 -39.31
C PRO E 109 20.20 -19.88 -40.44
N ASN E 110 21.50 -20.15 -40.60
CA ASN E 110 22.32 -19.51 -41.64
C ASN E 110 22.03 -20.00 -43.06
N GLU E 111 22.10 -21.32 -43.28
CA GLU E 111 21.82 -21.93 -44.60
C GLU E 111 20.42 -21.65 -45.08
N ALA E 112 19.48 -21.68 -44.14
CA ALA E 112 18.10 -21.29 -44.39
C ALA E 112 18.01 -19.82 -44.84
N LEU E 113 19.00 -19.00 -44.48
CA LEU E 113 19.01 -17.59 -44.90
C LEU E 113 19.29 -17.40 -46.40
N ILE E 114 20.43 -17.90 -46.89
CA ILE E 114 20.76 -17.79 -48.32
C ILE E 114 19.79 -18.64 -49.16
N PHE E 115 19.13 -19.58 -48.50
CA PHE E 115 18.10 -20.40 -49.09
C PHE E 115 16.84 -19.57 -49.39
N TYR E 116 16.33 -18.90 -48.35
CA TYR E 116 15.21 -17.97 -48.42
C TYR E 116 15.47 -16.91 -49.47
N ASN E 117 16.67 -16.34 -49.44
CA ASN E 117 17.11 -15.37 -50.43
C ASN E 117 16.90 -15.88 -51.85
N LYS E 118 17.44 -17.05 -52.13
CA LYS E 118 17.39 -17.65 -53.47
C LYS E 118 15.97 -18.05 -53.89
N ILE E 119 15.12 -18.30 -52.89
CA ILE E 119 13.71 -18.57 -53.11
C ILE E 119 12.98 -17.32 -53.65
N ILE E 120 13.31 -16.17 -53.07
CA ILE E 120 12.65 -14.92 -53.40
C ILE E 120 12.99 -14.41 -54.82
N ASP E 121 14.26 -14.50 -55.22
CA ASP E 121 14.66 -14.18 -56.61
C ASP E 121 13.77 -14.97 -57.58
N GLU E 122 13.64 -16.27 -57.33
CA GLU E 122 12.83 -17.17 -58.13
C GLU E 122 11.34 -16.82 -58.06
N PHE E 123 10.88 -16.45 -56.86
CA PHE E 123 9.55 -15.87 -56.68
C PHE E 123 9.41 -14.61 -57.52
N LYS E 124 10.43 -13.75 -57.50
CA LYS E 124 10.42 -12.54 -58.32
C LYS E 124 10.47 -12.92 -59.79
N LYS E 125 11.36 -13.85 -60.12
CA LYS E 125 11.47 -14.43 -61.46
C LYS E 125 10.11 -14.93 -61.96
N GLN E 126 9.52 -15.90 -61.25
CA GLN E 126 8.26 -16.54 -61.64
C GLN E 126 7.02 -15.62 -61.57
N TYR E 127 7.19 -14.39 -61.07
CA TYR E 127 6.09 -13.40 -61.00
C TYR E 127 6.57 -12.01 -61.43
N ASN E 128 6.78 -11.15 -60.45
CA ASN E 128 7.05 -9.76 -60.69
C ASN E 128 7.70 -9.18 -59.46
N ASP E 129 8.95 -8.75 -59.60
CA ASP E 129 9.77 -8.26 -58.48
C ASP E 129 9.08 -7.21 -57.56
N ASP E 130 8.12 -6.48 -58.10
CA ASP E 130 7.54 -5.35 -57.38
C ASP E 130 6.20 -5.71 -56.71
N LYS E 131 5.97 -7.00 -56.50
CA LYS E 131 4.73 -7.52 -55.89
C LYS E 131 5.05 -8.61 -54.85
N ILE E 132 6.34 -8.78 -54.57
CA ILE E 132 6.82 -9.81 -53.66
C ILE E 132 7.54 -9.18 -52.43
N LYS E 133 6.75 -8.64 -51.50
CA LYS E 133 7.30 -8.01 -50.27
C LYS E 133 7.78 -9.07 -49.28
N ILE E 134 8.80 -8.72 -48.48
CA ILE E 134 9.45 -9.68 -47.57
C ILE E 134 9.65 -9.17 -46.14
N GLY E 135 9.62 -10.11 -45.20
CA GLY E 135 9.89 -9.84 -43.79
C GLY E 135 11.35 -10.05 -43.43
N LYS E 136 11.82 -9.26 -42.48
CA LYS E 136 13.22 -9.27 -42.05
C LYS E 136 13.61 -10.52 -41.28
N PHE E 137 14.19 -11.48 -42.00
CA PHE E 137 14.46 -12.85 -41.56
C PHE E 137 14.26 -13.21 -40.08
N GLY E 138 15.24 -12.87 -39.25
CA GLY E 138 15.32 -13.35 -37.88
C GLY E 138 15.35 -12.27 -36.82
N ASN E 139 14.52 -11.23 -37.02
CA ASN E 139 14.31 -10.14 -36.04
C ASN E 139 12.84 -10.13 -35.64
N TYR E 140 12.56 -10.10 -34.34
CA TYR E 140 11.20 -9.99 -33.88
C TYR E 140 10.44 -9.09 -34.84
N MET E 141 9.47 -9.68 -35.53
CA MET E 141 8.59 -8.94 -36.41
C MET E 141 7.22 -8.75 -35.75
N ASN E 142 6.50 -7.70 -36.14
CA ASN E 142 5.11 -7.50 -35.75
C ASN E 142 4.28 -7.17 -36.97
N ILE E 143 3.53 -8.16 -37.44
CA ILE E 143 2.79 -8.07 -38.67
C ILE E 143 1.30 -7.95 -38.40
N ASP E 144 0.71 -6.86 -38.87
CA ASP E 144 -0.71 -6.63 -38.71
C ASP E 144 -1.42 -7.14 -39.95
N VAL E 145 -1.88 -8.39 -39.88
CA VAL E 145 -2.49 -9.08 -41.02
C VAL E 145 -4.00 -8.90 -40.99
N THR E 146 -4.59 -8.55 -42.14
CA THR E 146 -6.06 -8.53 -42.25
C THR E 146 -6.51 -9.79 -42.98
N ASN E 147 -6.99 -10.76 -42.21
CA ASN E 147 -7.36 -12.06 -42.77
C ASN E 147 -8.65 -11.94 -43.52
N ASP E 148 -8.67 -12.55 -44.68
CA ASP E 148 -9.77 -12.38 -45.59
C ASP E 148 -10.32 -13.74 -45.92
N GLY E 149 -11.54 -13.97 -45.43
CA GLY E 149 -12.21 -15.24 -45.52
C GLY E 149 -12.73 -15.65 -44.15
N PRO E 150 -11.84 -16.21 -43.32
CA PRO E 150 -10.41 -16.35 -43.62
C PRO E 150 -10.15 -17.52 -44.56
N VAL E 151 -8.88 -17.73 -44.92
CA VAL E 151 -8.47 -18.82 -45.79
C VAL E 151 -7.06 -19.24 -45.45
N THR E 152 -6.91 -20.44 -44.90
CA THR E 152 -5.58 -20.97 -44.61
C THR E 152 -5.23 -22.23 -45.41
N ILE E 153 -4.04 -22.25 -45.96
CA ILE E 153 -3.55 -23.43 -46.70
C ILE E 153 -2.23 -23.92 -46.10
N TYR E 154 -2.15 -25.24 -45.91
CA TYR E 154 -0.95 -25.83 -45.37
C TYR E 154 -0.46 -26.94 -46.27
N ILE E 155 0.64 -26.65 -46.97
CA ILE E 155 1.38 -27.66 -47.68
C ILE E 155 2.61 -28.00 -46.84
N ASP E 156 2.97 -29.28 -46.87
CA ASP E 156 4.23 -29.80 -46.33
C ASP E 156 4.80 -30.63 -47.46
N THR E 157 5.81 -30.11 -48.16
CA THR E 157 6.31 -30.76 -49.38
C THR E 157 6.39 -32.27 -49.19
N HIS E 158 7.12 -32.67 -48.15
CA HIS E 158 7.38 -34.07 -47.82
C HIS E 158 6.11 -34.94 -47.76
N ASP E 159 5.00 -34.47 -48.34
CA ASP E 159 3.78 -35.28 -48.54
C ASP E 159 3.60 -35.64 -50.04
N MET F 1 -7.98 -33.60 -35.89
CA MET F 1 -7.92 -32.55 -36.97
C MET F 1 -6.53 -31.97 -37.24
N ARG F 2 -6.56 -30.71 -37.66
CA ARG F 2 -5.42 -29.87 -37.86
C ARG F 2 -5.82 -28.48 -37.37
N VAL F 3 -5.02 -27.89 -36.50
CA VAL F 3 -5.14 -26.49 -36.21
C VAL F 3 -3.89 -25.81 -36.73
N VAL F 4 -4.02 -24.50 -37.01
CA VAL F 4 -2.92 -23.56 -37.13
C VAL F 4 -3.07 -22.59 -35.98
N ILE F 5 -2.00 -22.47 -35.20
CA ILE F 5 -1.98 -21.61 -34.05
C ILE F 5 -1.09 -20.44 -34.33
N GLN F 6 -1.60 -19.22 -34.17
CA GLN F 6 -0.71 -18.06 -34.20
C GLN F 6 -0.69 -17.31 -32.87
N ARG F 7 0.51 -16.94 -32.44
CA ARG F 7 0.69 -16.12 -31.26
C ARG F 7 0.35 -14.68 -31.65
N VAL F 8 -0.46 -14.02 -30.80
CA VAL F 8 -0.99 -12.70 -31.07
C VAL F 8 -0.91 -11.80 -29.85
N LYS F 9 -1.26 -10.53 -30.03
CA LYS F 9 -1.32 -9.51 -28.95
C LYS F 9 -2.75 -8.98 -28.89
N GLY F 10 -3.52 -9.39 -29.90
CA GLY F 10 -4.85 -8.90 -30.14
C GLY F 10 -5.30 -9.44 -31.48
N ALA F 11 -6.61 -9.62 -31.59
CA ALA F 11 -7.23 -10.01 -32.85
C ALA F 11 -8.65 -9.46 -32.95
N ILE F 12 -8.99 -8.97 -34.13
CA ILE F 12 -10.28 -8.30 -34.34
C ILE F 12 -11.10 -8.95 -35.43
N LEU F 13 -12.22 -9.52 -35.01
CA LEU F 13 -13.02 -10.45 -35.79
C LEU F 13 -14.34 -9.83 -36.24
N SER F 14 -14.57 -9.81 -37.56
CA SER F 14 -15.74 -9.16 -38.15
C SER F 14 -16.56 -10.07 -39.07
N VAL F 15 -17.76 -9.58 -39.48
CA VAL F 15 -18.58 -10.12 -40.60
C VAL F 15 -18.97 -9.04 -41.64
N ARG F 16 -20.02 -9.31 -42.41
CA ARG F 16 -20.47 -8.40 -43.49
C ARG F 16 -21.82 -7.73 -43.22
N GLU F 26 -19.66 -1.89 -43.63
CA GLU F 26 -19.75 -3.18 -44.27
C GLU F 26 -19.13 -4.25 -43.38
N LEU F 27 -18.80 -3.86 -42.15
CA LEU F 27 -18.05 -4.71 -41.20
C LEU F 27 -18.64 -4.66 -39.77
N GLU F 28 -18.63 -5.80 -39.06
CA GLU F 28 -19.23 -5.87 -37.73
C GLU F 28 -18.47 -6.78 -36.74
N ILE F 29 -17.59 -6.18 -35.92
CA ILE F 29 -16.93 -6.89 -34.79
C ILE F 29 -17.91 -7.77 -34.00
N ILE F 30 -17.48 -8.96 -33.60
CA ILE F 30 -18.34 -9.85 -32.82
C ILE F 30 -17.62 -10.56 -31.65
N SER F 31 -16.38 -10.94 -31.91
CA SER F 31 -15.48 -11.38 -30.87
C SER F 31 -14.24 -10.54 -31.04
N GLU F 32 -13.50 -10.40 -29.94
CA GLU F 32 -12.25 -9.65 -29.95
C GLU F 32 -11.43 -10.07 -28.79
N ILE F 33 -10.15 -10.36 -29.04
CA ILE F 33 -9.24 -10.77 -27.98
C ILE F 33 -7.96 -9.95 -27.96
N LYS F 34 -7.27 -9.99 -26.83
CA LYS F 34 -5.98 -9.35 -26.62
C LYS F 34 -4.81 -10.36 -26.64
N ASN F 35 -3.86 -10.26 -25.70
CA ASN F 35 -2.68 -11.12 -25.75
C ASN F 35 -3.04 -12.62 -25.79
N GLY F 36 -2.47 -13.35 -26.74
CA GLY F 36 -2.71 -14.77 -26.76
C GLY F 36 -2.62 -15.47 -28.08
N LEU F 37 -3.57 -16.39 -28.32
CA LEU F 37 -3.56 -17.21 -29.53
C LEU F 37 -4.75 -16.94 -30.43
N ILE F 38 -4.49 -17.02 -31.74
CA ILE F 38 -5.52 -17.31 -32.71
C ILE F 38 -5.31 -18.76 -33.14
N CYS F 39 -6.41 -19.51 -33.13
CA CYS F 39 -6.39 -20.91 -33.59
C CYS F 39 -7.37 -21.15 -34.72
N PHE F 40 -6.77 -21.32 -35.89
CA PHE F 40 -7.45 -21.67 -37.11
C PHE F 40 -7.47 -23.18 -37.11
N LEU F 41 -8.64 -23.71 -36.83
CA LEU F 41 -8.84 -25.15 -36.68
C LEU F 41 -9.75 -25.69 -37.77
N GLY F 42 -9.37 -26.84 -38.32
CA GLY F 42 -10.22 -27.58 -39.28
C GLY F 42 -10.54 -29.03 -38.91
N ILE F 43 -11.82 -29.35 -38.83
CA ILE F 43 -12.26 -30.71 -38.50
C ILE F 43 -12.26 -31.65 -39.71
N HIS F 44 -11.94 -32.92 -39.44
CA HIS F 44 -11.82 -33.95 -40.47
C HIS F 44 -13.03 -34.87 -40.39
N LYS F 45 -13.60 -35.20 -41.55
CA LYS F 45 -14.60 -36.25 -41.70
C LYS F 45 -14.57 -37.31 -40.58
N ASN F 46 -13.36 -37.63 -40.08
CA ASN F 46 -13.13 -38.80 -39.23
C ASN F 46 -12.44 -38.63 -37.87
N ASP F 47 -12.31 -37.40 -37.38
CA ASP F 47 -11.73 -37.17 -36.05
C ASP F 47 -12.72 -37.64 -35.00
N THR F 48 -12.26 -38.48 -34.08
CA THR F 48 -13.05 -38.74 -32.88
C THR F 48 -12.99 -37.51 -31.97
N TRP F 49 -13.43 -37.70 -30.72
CA TRP F 49 -13.32 -36.69 -29.69
C TRP F 49 -11.85 -36.64 -29.25
N GLU F 50 -11.13 -37.77 -29.41
CA GLU F 50 -9.69 -37.91 -29.11
C GLU F 50 -8.79 -36.87 -29.79
N ASP F 51 -9.11 -36.58 -31.05
CA ASP F 51 -8.42 -35.55 -31.80
C ASP F 51 -8.78 -34.21 -31.18
N ALA F 52 -10.07 -33.91 -31.11
CA ALA F 52 -10.53 -32.70 -30.46
C ALA F 52 -9.77 -32.56 -29.14
N LEU F 53 -9.78 -33.65 -28.36
CA LEU F 53 -9.16 -33.65 -27.05
C LEU F 53 -7.68 -33.42 -27.14
N TYR F 54 -7.00 -34.10 -28.06
CA TYR F 54 -5.59 -33.81 -28.27
C TYR F 54 -5.45 -32.32 -28.60
N ILE F 55 -6.05 -31.92 -29.71
CA ILE F 55 -6.04 -30.53 -30.20
C ILE F 55 -6.20 -29.51 -29.09
N ILE F 56 -7.27 -29.67 -28.29
CA ILE F 56 -7.59 -28.76 -27.21
C ILE F 56 -6.42 -28.71 -26.24
N ARG F 57 -6.17 -29.81 -25.55
CA ARG F 57 -5.03 -29.93 -24.66
C ARG F 57 -3.81 -29.14 -25.21
N LYS F 58 -3.59 -29.26 -26.52
CA LYS F 58 -2.42 -28.68 -27.13
C LYS F 58 -2.39 -27.15 -27.09
N CYS F 59 -3.48 -26.51 -27.52
CA CYS F 59 -3.58 -25.05 -27.46
C CYS F 59 -3.36 -24.54 -26.05
N LEU F 60 -3.95 -25.24 -25.10
CA LEU F 60 -4.00 -24.79 -23.73
C LEU F 60 -2.72 -25.09 -22.99
N ASN F 61 -1.87 -25.93 -23.53
CA ASN F 61 -0.72 -26.32 -22.73
C ASN F 61 0.65 -26.06 -23.35
N LEU F 62 0.66 -25.94 -24.67
CA LEU F 62 1.86 -25.59 -25.45
C LEU F 62 2.51 -24.33 -24.94
N ARG F 63 3.83 -24.39 -24.79
CA ARG F 63 4.55 -23.29 -24.20
C ARG F 63 5.22 -22.44 -25.24
N LEU F 64 4.44 -21.49 -25.74
CA LEU F 64 4.83 -20.63 -26.83
C LEU F 64 5.31 -19.22 -26.45
N TRP F 65 5.46 -18.93 -25.16
CA TRP F 65 6.10 -17.66 -24.76
C TRP F 65 7.38 -17.82 -23.99
N ASN F 66 8.36 -16.98 -24.31
CA ASN F 66 9.58 -16.92 -23.52
C ASN F 66 9.21 -16.37 -22.15
N ASN F 67 10.16 -16.28 -21.24
CA ASN F 67 9.89 -15.74 -19.92
C ASN F 67 11.11 -15.82 -19.01
N ASP F 68 11.38 -14.72 -18.29
CA ASP F 68 12.68 -14.50 -17.61
C ASP F 68 13.64 -14.60 -18.77
N ASN F 69 14.76 -15.28 -18.58
CA ASN F 69 15.58 -15.56 -19.74
C ASN F 69 15.05 -16.76 -20.55
N LYS F 70 14.71 -17.86 -19.85
CA LYS F 70 14.09 -19.08 -20.43
C LYS F 70 13.12 -18.85 -21.60
N THR F 71 13.39 -19.48 -22.73
CA THR F 71 12.52 -19.38 -23.91
C THR F 71 11.48 -20.50 -23.87
N TRP F 72 10.39 -20.35 -24.62
CA TRP F 72 9.43 -21.44 -24.80
C TRP F 72 8.96 -22.02 -23.46
N ASP F 73 8.67 -21.12 -22.53
CA ASP F 73 8.60 -21.49 -21.15
C ASP F 73 7.21 -21.47 -20.60
N LYS F 74 6.38 -20.52 -21.02
CA LYS F 74 5.05 -20.43 -20.46
C LYS F 74 4.00 -20.59 -21.52
N ASN F 75 2.85 -21.07 -21.12
CA ASN F 75 1.77 -21.24 -22.04
C ASN F 75 0.63 -20.25 -21.79
N VAL F 76 -0.43 -20.43 -22.57
CA VAL F 76 -1.55 -19.55 -22.55
C VAL F 76 -2.31 -19.61 -21.22
N LYS F 77 -2.14 -20.70 -20.46
CA LYS F 77 -2.86 -20.88 -19.17
C LYS F 77 -2.13 -20.21 -17.99
N ASP F 78 -0.82 -20.40 -17.95
CA ASP F 78 0.04 -19.68 -17.04
C ASP F 78 -0.23 -18.20 -17.26
N LEU F 79 0.16 -17.68 -18.42
CA LEU F 79 0.14 -16.24 -18.69
C LEU F 79 -1.27 -15.71 -18.69
N ASN F 80 -2.25 -16.58 -18.48
CA ASN F 80 -3.62 -16.17 -18.34
C ASN F 80 -4.09 -15.33 -19.55
N TYR F 81 -3.82 -15.85 -20.74
CA TYR F 81 -4.13 -15.20 -22.01
C TYR F 81 -5.41 -15.77 -22.62
N GLU F 82 -5.73 -15.36 -23.86
CA GLU F 82 -6.97 -15.75 -24.56
C GLU F 82 -6.75 -16.47 -25.89
N LEU F 83 -7.76 -17.26 -26.30
CA LEU F 83 -7.69 -18.03 -27.56
C LEU F 83 -8.84 -17.66 -28.45
N LEU F 84 -8.54 -17.25 -29.68
CA LEU F 84 -9.58 -16.93 -30.65
C LEU F 84 -9.71 -18.11 -31.57
N ILE F 85 -10.91 -18.66 -31.62
CA ILE F 85 -11.09 -19.94 -32.28
C ILE F 85 -11.87 -19.81 -33.59
N VAL F 86 -11.28 -20.31 -34.67
CA VAL F 86 -11.86 -20.08 -35.96
C VAL F 86 -11.96 -21.42 -36.68
N SER F 87 -13.15 -21.69 -37.21
CA SER F 87 -13.36 -22.85 -38.07
C SER F 87 -12.66 -22.63 -39.40
N GLN F 88 -11.75 -23.54 -39.74
CA GLN F 88 -10.96 -23.41 -40.97
C GLN F 88 -10.87 -24.76 -41.76
N PHE F 89 -11.93 -25.05 -42.52
CA PHE F 89 -12.02 -26.28 -43.31
C PHE F 89 -11.04 -26.29 -44.48
N THR F 90 -10.34 -25.18 -44.67
CA THR F 90 -9.39 -25.01 -45.78
C THR F 90 -8.06 -25.72 -45.51
N LEU F 91 -7.85 -26.07 -44.25
CA LEU F 91 -6.71 -26.89 -43.85
C LEU F 91 -6.86 -28.35 -44.31
N PHE F 92 -7.98 -28.68 -44.95
CA PHE F 92 -8.08 -29.98 -45.59
C PHE F 92 -8.01 -29.85 -47.08
N GLY F 93 -7.94 -28.61 -47.55
CA GLY F 93 -7.77 -28.31 -48.96
C GLY F 93 -6.57 -28.98 -49.62
N ASN F 94 -6.66 -30.30 -49.81
CA ASN F 94 -5.66 -31.06 -50.57
C ASN F 94 -5.32 -30.35 -51.87
N THR F 95 -4.03 -30.15 -52.09
CA THR F 95 -3.54 -29.57 -53.33
C THR F 95 -2.48 -30.49 -53.94
N LYS F 96 -2.26 -31.63 -53.26
CA LYS F 96 -1.39 -32.73 -53.74
C LYS F 96 -1.65 -33.09 -55.21
N LYS F 97 -2.88 -32.85 -55.67
CA LYS F 97 -3.26 -32.97 -57.11
C LYS F 97 -3.85 -31.64 -57.60
N GLY F 98 -3.12 -30.94 -58.48
CA GLY F 98 -3.60 -29.68 -59.09
C GLY F 98 -3.81 -28.48 -58.16
N ASN F 99 -4.50 -27.46 -58.68
CA ASN F 99 -4.66 -26.15 -58.01
C ASN F 99 -6.08 -25.74 -57.70
N LYS F 100 -6.96 -26.73 -57.56
CA LYS F 100 -8.31 -26.47 -57.11
C LYS F 100 -8.54 -27.32 -55.86
N PRO F 101 -8.33 -26.72 -54.68
CA PRO F 101 -8.31 -27.40 -53.39
C PRO F 101 -9.46 -28.40 -53.20
N ASP F 102 -9.17 -29.67 -53.41
CA ASP F 102 -10.04 -30.75 -52.98
C ASP F 102 -10.44 -30.44 -51.53
N PHE F 103 -11.67 -30.74 -51.16
CA PHE F 103 -12.08 -30.58 -49.77
C PHE F 103 -12.75 -31.83 -49.22
N HIS F 104 -12.85 -32.86 -50.06
CA HIS F 104 -13.62 -34.05 -49.71
C HIS F 104 -13.16 -34.69 -48.41
N LEU F 105 -11.92 -34.44 -48.01
CA LEU F 105 -11.42 -34.95 -46.73
C LEU F 105 -11.90 -34.15 -45.50
N ALA F 106 -12.36 -32.92 -45.72
CA ALA F 106 -12.90 -32.07 -44.63
C ALA F 106 -14.33 -32.46 -44.25
N LYS F 107 -14.62 -32.39 -42.95
CA LYS F 107 -15.92 -32.80 -42.43
C LYS F 107 -17.04 -31.90 -42.91
N GLU F 108 -17.98 -32.52 -43.62
CA GLU F 108 -19.26 -31.93 -43.98
C GLU F 108 -19.66 -30.81 -43.00
N PRO F 109 -19.86 -29.58 -43.53
CA PRO F 109 -20.12 -28.33 -42.78
C PRO F 109 -21.37 -28.29 -41.88
N ASN F 110 -22.19 -29.33 -41.88
CA ASN F 110 -23.41 -29.34 -41.05
C ASN F 110 -23.23 -29.91 -39.64
N GLU F 111 -22.59 -31.08 -39.54
CA GLU F 111 -22.25 -31.63 -38.24
C GLU F 111 -21.02 -30.90 -37.74
N ALA F 112 -20.10 -30.60 -38.69
CA ALA F 112 -18.87 -29.88 -38.39
C ALA F 112 -19.15 -28.84 -37.32
N LEU F 113 -20.24 -28.10 -37.52
CA LEU F 113 -20.72 -27.16 -36.54
C LEU F 113 -20.90 -27.84 -35.18
N ILE F 114 -21.91 -28.70 -35.05
CA ILE F 114 -22.21 -29.29 -33.73
C ILE F 114 -20.99 -29.94 -33.07
N PHE F 115 -20.01 -30.30 -33.89
CA PHE F 115 -18.75 -30.80 -33.36
C PHE F 115 -17.99 -29.64 -32.72
N TYR F 116 -17.77 -28.60 -33.52
CA TYR F 116 -17.04 -27.42 -33.10
C TYR F 116 -17.73 -26.79 -31.89
N ASN F 117 -19.06 -26.87 -31.85
CA ASN F 117 -19.82 -26.44 -30.68
C ASN F 117 -19.51 -27.21 -29.39
N LYS F 118 -19.19 -28.49 -29.53
CA LYS F 118 -18.69 -29.27 -28.41
C LYS F 118 -17.22 -28.99 -28.13
N ILE F 119 -16.49 -28.57 -29.17
CA ILE F 119 -15.04 -28.34 -29.06
C ILE F 119 -14.78 -27.01 -28.39
N ILE F 120 -15.56 -26.01 -28.76
CA ILE F 120 -15.59 -24.80 -27.99
C ILE F 120 -15.86 -25.13 -26.54
N ASP F 121 -16.71 -26.13 -26.28
CA ASP F 121 -17.09 -26.49 -24.90
C ASP F 121 -15.98 -27.04 -24.05
N GLU F 122 -15.12 -27.88 -24.61
CA GLU F 122 -14.07 -28.48 -23.82
C GLU F 122 -13.07 -27.45 -23.41
N PHE F 123 -12.65 -26.58 -24.35
CA PHE F 123 -11.79 -25.42 -24.03
C PHE F 123 -12.30 -24.69 -22.79
N LYS F 124 -13.58 -24.32 -22.80
CA LYS F 124 -14.20 -23.60 -21.69
C LYS F 124 -14.17 -24.40 -20.39
N LYS F 125 -14.63 -25.65 -20.44
CA LYS F 125 -14.59 -26.56 -19.29
C LYS F 125 -13.14 -26.95 -18.85
N GLN F 126 -12.14 -26.70 -19.70
CA GLN F 126 -10.73 -26.93 -19.34
C GLN F 126 -10.00 -25.69 -18.82
N TYR F 127 -10.01 -24.62 -19.60
CA TYR F 127 -9.39 -23.38 -19.20
C TYR F 127 -10.47 -22.71 -18.41
N ASN F 128 -11.18 -21.79 -19.04
CA ASN F 128 -12.28 -21.12 -18.37
C ASN F 128 -13.28 -20.53 -19.39
N ASP F 129 -14.51 -20.33 -18.93
CA ASP F 129 -15.60 -19.86 -19.79
C ASP F 129 -15.36 -18.46 -20.38
N ASP F 130 -14.52 -17.68 -19.71
CA ASP F 130 -14.38 -16.27 -19.96
C ASP F 130 -13.35 -15.95 -21.05
N LYS F 131 -12.28 -16.74 -21.07
CA LYS F 131 -11.08 -16.44 -21.84
C LYS F 131 -11.08 -17.03 -23.24
N ILE F 132 -12.22 -17.56 -23.66
CA ILE F 132 -12.38 -18.24 -24.96
C ILE F 132 -13.40 -17.55 -25.87
N LYS F 133 -12.90 -16.79 -26.84
CA LYS F 133 -13.75 -16.15 -27.84
C LYS F 133 -13.74 -16.94 -29.16
N ILE F 134 -14.80 -16.78 -29.96
CA ILE F 134 -14.99 -17.50 -31.23
C ILE F 134 -15.49 -16.62 -32.36
N GLY F 135 -15.30 -17.09 -33.59
CA GLY F 135 -15.91 -16.45 -34.74
C GLY F 135 -17.30 -17.01 -34.97
N LYS F 136 -17.91 -16.60 -36.10
CA LYS F 136 -19.20 -17.15 -36.50
C LYS F 136 -19.02 -18.24 -37.54
N PHE F 137 -19.57 -19.42 -37.25
CA PHE F 137 -19.35 -20.61 -38.07
C PHE F 137 -20.04 -20.57 -39.43
N GLY F 138 -19.35 -21.10 -40.44
CA GLY F 138 -19.87 -21.18 -41.81
C GLY F 138 -19.98 -19.81 -42.48
N ASN F 139 -19.82 -18.77 -41.67
CA ASN F 139 -19.90 -17.40 -42.14
C ASN F 139 -18.59 -16.84 -42.65
N TYR F 140 -18.69 -15.94 -43.60
CA TYR F 140 -17.52 -15.24 -44.09
C TYR F 140 -17.09 -14.17 -43.10
N MET F 141 -15.87 -14.33 -42.60
CA MET F 141 -15.27 -13.43 -41.59
C MET F 141 -14.18 -12.46 -42.09
N ASN F 142 -13.84 -11.52 -41.21
CA ASN F 142 -12.74 -10.60 -41.40
C ASN F 142 -11.97 -10.59 -40.10
N ILE F 143 -10.75 -11.13 -40.10
CA ILE F 143 -9.97 -11.20 -38.88
C ILE F 143 -8.65 -10.44 -38.95
N ASP F 144 -8.62 -9.27 -38.30
CA ASP F 144 -7.39 -8.51 -38.06
C ASP F 144 -6.52 -9.17 -37.00
N VAL F 145 -5.33 -9.63 -37.36
CA VAL F 145 -4.45 -10.26 -36.39
C VAL F 145 -3.14 -9.49 -36.24
N THR F 146 -2.88 -9.00 -35.03
CA THR F 146 -1.56 -8.49 -34.74
C THR F 146 -0.84 -9.74 -34.32
N ASN F 147 -0.05 -10.29 -35.22
CA ASN F 147 0.82 -11.43 -34.88
C ASN F 147 1.95 -11.02 -33.95
N ASP F 148 2.08 -11.77 -32.85
CA ASP F 148 3.16 -11.58 -31.88
C ASP F 148 4.33 -12.55 -32.13
N GLY F 149 5.10 -12.31 -33.19
CA GLY F 149 6.35 -13.02 -33.39
C GLY F 149 6.99 -12.85 -34.76
N PRO F 150 6.37 -13.44 -35.78
CA PRO F 150 5.16 -14.25 -35.69
C PRO F 150 5.47 -15.61 -35.13
N VAL F 151 4.49 -16.25 -34.52
CA VAL F 151 4.65 -17.64 -34.21
C VAL F 151 3.48 -18.47 -34.72
N THR F 152 3.85 -19.52 -35.44
CA THR F 152 2.93 -20.41 -36.13
C THR F 152 3.26 -21.88 -35.91
N ILE F 153 2.24 -22.64 -35.58
CA ILE F 153 2.40 -24.02 -35.20
C ILE F 153 1.31 -24.82 -35.87
N TYR F 154 1.73 -25.86 -36.57
CA TYR F 154 0.79 -26.78 -37.15
C TYR F 154 0.84 -28.06 -36.35
N ILE F 155 -0.34 -28.63 -36.13
CA ILE F 155 -0.49 -29.95 -35.58
C ILE F 155 -1.51 -30.60 -36.45
N ASP F 156 -1.21 -31.82 -36.86
CA ASP F 156 -2.19 -32.71 -37.45
C ASP F 156 -2.34 -33.83 -36.40
N THR F 157 -3.57 -34.19 -36.04
CA THR F 157 -3.71 -35.33 -35.15
C THR F 157 -3.48 -36.65 -35.88
N HIS F 158 -3.41 -36.62 -37.22
CA HIS F 158 -3.18 -37.85 -37.98
C HIS F 158 -1.72 -38.24 -38.14
N ASP F 159 -0.81 -37.26 -38.22
CA ASP F 159 0.64 -37.55 -38.19
C ASP F 159 1.01 -38.26 -36.88
N ILE F 160 0.63 -37.64 -35.77
CA ILE F 160 0.49 -38.32 -34.49
C ILE F 160 -0.42 -39.59 -34.63
N DSN G . -19.36 -2.87 -6.97
CA DSN G . -19.35 -3.31 -8.40
C DSN G . -20.76 -3.47 -8.97
O DSN G . -20.98 -4.15 -9.97
OXT DSN G . -21.75 -2.94 -8.45
CB DSN G . -18.42 -2.43 -9.26
OG DSN G . -18.19 -1.11 -8.70
N DSN H . -1.11 5.25 38.38
CA DSN H . -0.14 5.02 37.26
C DSN H . 0.21 3.56 37.08
O DSN H . 0.84 3.18 36.09
OXT DSN H . -0.08 2.71 37.94
CB DSN H . -0.64 5.73 35.98
OG DSN H . -1.24 4.82 35.03
N DSN I . -6.02 3.46 33.12
CA DSN I . -5.97 4.56 34.13
C DSN I . -6.63 5.83 33.65
O DSN I . -6.03 6.90 33.69
OXT DSN I . -7.78 5.86 33.21
CB DSN I . -6.59 4.09 35.45
OG DSN I . -7.94 3.68 35.21
N DSN J . 4.15 -2.20 37.97
CA DSN J . 5.27 -3.19 38.13
C DSN J . 5.68 -3.83 36.82
O DSN J . 6.33 -3.23 35.95
OXT DSN J . 5.35 -4.99 36.56
CB DSN J . 6.46 -2.53 38.84
OG DSN J . 6.02 -1.91 40.06
#